data_2IGZ
#
_entry.id   2IGZ
#
_cell.length_a   1.000
_cell.length_b   1.000
_cell.length_c   1.000
_cell.angle_alpha   90.00
_cell.angle_beta   90.00
_cell.angle_gamma   90.00
#
_symmetry.space_group_name_H-M   'P 1'
#
_entity_poly.entity_id   1
_entity_poly.type   'polypeptide(L)'
_entity_poly.pdbx_seq_one_letter_code
;(AFC)N(DTY)(DSG)SE(DSN)T
;
_entity_poly.pdbx_strand_id   A
#
loop_
_chem_comp.id
_chem_comp.type
_chem_comp.name
_chem_comp.formula
AFC peptide-like '(3R,12R)-3-amino-12-methyltetradecanoic acid' 'C15 H31 N O2'
#
# COMPACT_ATOMS: atom_id res chain seq x y z
N AFC A 1 1.30 -2.06 -2.53
CA AFC A 1 1.32 -3.43 -2.06
CB AFC A 1 0.58 -4.35 -3.06
C AFC A 1 1.42 -3.17 0.45
O AFC A 1 2.02 -3.96 1.17
CD AFC A 1 1.03 -5.82 -2.99
CE AFC A 1 -0.08 -6.83 -3.33
CF AFC A 1 -1.04 -7.11 -2.16
CI AFC A 1 -0.64 -8.35 -1.32
CJ AFC A 1 -1.24 -9.66 -1.85
CK AFC A 1 -1.36 -10.76 -0.78
CL AFC A 1 -0.09 -11.61 -0.59
CM AFC A 1 -0.17 -13.02 -1.22
CN2 AFC A 1 0.40 -14.13 -0.31
CN1 AFC A 1 0.50 -12.99 -2.62
CO1 AFC A 1 2.02 -12.82 -2.62
CG AFC A 1 0.59 -3.64 -0.70
H AFC A 1 0.42 -1.61 -2.66
HA AFC A 1 2.35 -3.74 -1.94
HG1 AFC A 1 0.38 -4.73 -0.54
HG2 AFC A 1 -0.39 -3.11 -0.72
HB2 AFC A 1 -0.51 -4.28 -2.88
HB3 AFC A 1 0.03 -3.48 -3.42
HD1 AFC A 1 1.44 -6.06 -2.00
HD2 AFC A 1 1.85 -5.97 -3.73
HE1 AFC A 1 0.39 -7.79 -3.65
HE2 AFC A 1 -0.68 -6.45 -4.19
HF1 AFC A 1 -2.07 -7.26 -2.54
HF2 AFC A 1 -1.06 -6.22 -1.48
HI1 AFC A 1 -1.00 -8.19 -0.26
HI2 AFC A 1 0.46 -8.43 -1.28
HJ1 AFC A 1 -0.60 -10.02 -2.68
HJ2 AFC A 1 -2.25 -9.46 -2.26
HK1 AFC A 1 -2.22 -11.42 -1.06
HK2 AFC A 1 -1.63 -10.30 0.19
HL1 AFC A 1 0.07 -11.73 0.51
HL2 AFC A 1 0.77 -11.05 -0.99
HM AFC A 1 -1.25 -13.27 -1.39
HN21 AFC A 1 0.61 -15.04 -0.89
HN22 AFC A 1 -0.34 -14.39 0.49
HN23 AFC A 1 1.34 -13.80 0.17
HN11 AFC A 1 0.25 -13.95 -3.15
HN12 AFC A 1 0.04 -12.17 -3.22
HO11 AFC A 1 2.49 -13.56 -3.29
HO12 AFC A 1 2.44 -12.95 -1.60
HO13 AFC A 1 2.29 -11.80 -2.97
N ASN A 2 1.50 -1.84 0.60
CA ASN A 2 2.27 -1.17 1.59
C ASN A 2 1.92 0.21 1.12
N DTY A 3 2.60 1.23 1.66
CA DTY A 3 2.39 2.63 1.33
C DTY A 3 1.01 3.06 1.72
O DTY A 3 0.43 3.95 1.10
CB DTY A 3 3.40 3.57 2.03
CG DTY A 3 4.79 3.31 1.52
CD1 DTY A 3 5.15 3.69 0.21
CD2 DTY A 3 5.75 2.69 2.33
CE1 DTY A 3 6.45 3.46 -0.27
CE2 DTY A 3 7.05 2.46 1.85
CZ DTY A 3 7.40 2.84 0.55
OH DTY A 3 8.71 2.62 0.08
H DTY A 3 3.39 1.02 2.23
HA DTY A 3 2.47 2.73 0.26
HB2 DTY A 3 3.15 4.64 1.80
HB3 DTY A 3 3.37 3.44 3.13
HD1 DTY A 3 4.42 4.17 -0.43
HD2 DTY A 3 5.49 2.39 3.34
HE1 DTY A 3 6.68 3.77 -1.27
HE2 DTY A 3 7.78 1.98 2.49
HH DTY A 3 8.79 2.99 -0.80
N DSG A 4 0.41 2.37 2.71
CA DSG A 4 -0.99 2.30 2.85
C DSG A 4 -1.05 0.84 3.04
O DSG A 4 -0.21 0.29 3.76
CB DSG A 4 -1.58 3.01 4.10
CG DSG A 4 -3.11 2.83 4.11
OD1 DSG A 4 -3.63 1.91 4.77
ND2 DSG A 4 -3.84 3.68 3.34
H DSG A 4 0.83 1.58 3.19
HA DSG A 4 -1.49 2.59 1.93
HB2 DSG A 4 -1.15 2.57 5.03
HB3 DSG A 4 -1.33 4.09 4.07
HD21 DSG A 4 -3.37 4.39 2.80
HD22 DSG A 4 -4.82 3.59 3.30
N SER A 5 -1.99 0.20 2.36
CA SER A 5 -2.41 -1.16 2.60
C SER A 5 -2.79 -1.62 1.24
N GLU A 6 -3.70 -0.85 0.59
CA GLU A 6 -3.71 -0.74 -0.84
C GLU A 6 -2.91 0.53 -0.99
N DSN A 7 -2.17 0.68 -2.09
CA DSN A 7 -1.04 1.55 -2.13
C DSN A 7 -0.15 0.63 -2.88
O DSN A 7 -0.65 -0.26 -3.58
CB DSN A 7 -1.29 2.91 -2.82
OG DSN A 7 -2.05 2.77 -4.02
H DSN A 7 -2.10 0.01 -2.85
HA DSN A 7 -0.64 1.69 -1.13
HB2 DSN A 7 -1.85 3.56 -2.13
HB3 DSN A 7 -0.32 3.41 -3.04
HG DSN A 7 -2.90 2.42 -3.73
N THR A 8 1.18 0.75 -2.70
CA THR A 8 2.24 0.05 -3.37
C THR A 8 2.41 -1.38 -2.88
N AFC A 1 1.39 -2.15 -2.40
CA AFC A 1 1.51 -3.52 -1.96
CB AFC A 1 0.71 -4.43 -2.92
C AFC A 1 1.86 -3.25 0.52
O AFC A 1 2.60 -3.97 1.18
CD AFC A 1 -0.70 -3.89 -3.23
CE AFC A 1 -1.69 -4.96 -3.72
CF AFC A 1 -2.99 -4.38 -4.30
CI AFC A 1 -3.66 -3.34 -3.38
CJ AFC A 1 -5.07 -2.94 -3.84
CK AFC A 1 -5.09 -1.75 -4.81
CL AFC A 1 -6.49 -1.43 -5.35
CM AFC A 1 -6.46 -0.50 -6.59
CN2 AFC A 1 -7.67 0.47 -6.61
CN1 AFC A 1 -6.39 -1.40 -7.84
CO1 AFC A 1 -6.28 -0.60 -9.16
CG AFC A 1 0.96 -3.82 -0.54
H AFC A 1 0.47 -1.76 -2.43
HA AFC A 1 2.56 -3.79 -1.96
HG1 AFC A 1 -0.07 -3.42 -0.42
HG2 AFC A 1 0.92 -4.93 -0.38
HB2 AFC A 1 1.27 -4.48 -3.89
HB3 AFC A 1 1.57 -5.10 -2.99
HD1 AFC A 1 -0.62 -3.11 -4.01
HD2 AFC A 1 -1.12 -3.41 -2.32
HE1 AFC A 1 -1.94 -5.63 -2.87
HE2 AFC A 1 -1.19 -5.58 -4.50
HF1 AFC A 1 -3.70 -5.22 -4.48
HF2 AFC A 1 -2.77 -3.91 -5.28
HI1 AFC A 1 -3.04 -2.42 -3.36
HI2 AFC A 1 -3.72 -3.74 -2.36
HJ1 AFC A 1 -5.68 -2.68 -2.94
HJ2 AFC A 1 -5.57 -3.81 -4.33
HK1 AFC A 1 -4.41 -1.98 -5.66
HK2 AFC A 1 -4.69 -0.86 -4.29
HL1 AFC A 1 -7.08 -0.95 -4.55
HL2 AFC A 1 -7.00 -2.39 -5.62
HM AFC A 1 -5.54 0.11 -6.55
HN21 AFC A 1 -7.78 0.97 -5.62
HN22 AFC A 1 -8.60 -0.09 -6.82
HN23 AFC A 1 -7.53 1.24 -7.39
HN11 AFC A 1 -5.51 -2.08 -7.76
HN12 AFC A 1 -7.29 -2.04 -7.89
HO11 AFC A 1 -7.28 -0.23 -9.47
HO12 AFC A 1 -5.89 -1.25 -9.97
HO13 AFC A 1 -5.59 0.26 -9.03
N ASN A 2 1.84 -1.92 0.66
CA ASN A 2 2.64 -1.15 1.54
C ASN A 2 2.10 0.18 1.12
N DTY A 3 2.75 1.28 1.55
CA DTY A 3 2.30 2.64 1.32
C DTY A 3 1.17 2.95 2.28
O DTY A 3 1.25 3.88 3.07
CB DTY A 3 3.41 3.70 1.59
CG DTY A 3 4.59 3.49 0.68
CD1 DTY A 3 4.60 4.03 -0.61
CD2 DTY A 3 5.73 2.80 1.14
CE1 DTY A 3 5.71 3.88 -1.45
CE2 DTY A 3 6.85 2.65 0.31
CZ DTY A 3 6.84 3.19 -0.99
OH DTY A 3 7.96 3.05 -1.83
H DTY A 3 3.63 1.16 1.99
HA DTY A 3 1.94 2.73 0.30
HB2 DTY A 3 3.01 4.71 1.41
HB3 DTY A 3 3.77 3.64 2.64
HD1 DTY A 3 5.75 2.39 2.14
HD2 DTY A 3 3.73 4.57 -0.98
HE1 DTY A 3 7.71 2.11 0.68
HE2 DTY A 3 5.70 4.29 -2.45
HH DTY A 3 8.67 2.63 -1.34
N DSG A 4 0.10 2.14 2.23
CA DSG A 4 -1.01 2.22 3.14
C DSG A 4 -1.96 1.18 2.66
O DSG A 4 -3.13 1.45 2.43
CB DSG A 4 -0.64 1.89 4.63
CG DSG A 4 -1.91 1.85 5.49
OD1 DSG A 4 -2.43 0.75 5.75
ND2 DSG A 4 -2.42 3.04 5.90
H DSG A 4 0.06 1.42 1.54
HA DSG A 4 -1.47 3.20 3.04
HB2 DSG A 4 -0.14 0.91 4.69
HB3 DSG A 4 0.05 2.66 5.01
HD21 DSG A 4 -1.95 3.90 5.70
HD22 DSG A 4 -3.28 3.05 6.41
N SER A 5 -1.44 -0.07 2.55
CA SER A 5 -2.18 -1.29 2.31
C SER A 5 -2.70 -1.35 0.89
N GLU A 6 -3.70 -0.51 0.58
CA GLU A 6 -4.17 -0.28 -0.75
C GLU A 6 -3.34 0.88 -1.19
N DSN A 7 -2.27 0.60 -1.93
CA DSN A 7 -1.13 1.45 -2.06
C DSN A 7 -0.25 0.44 -2.71
O DSN A 7 -0.77 -0.55 -3.24
CB DSN A 7 -1.33 2.66 -2.98
OG DSN A 7 -2.12 3.63 -2.31
H DSN A 7 -2.07 -0.30 -2.34
HA DSN A 7 -0.74 1.69 -1.09
HB2 DSN A 7 -0.36 3.13 -3.23
HB3 DSN A 7 -1.84 2.36 -3.92
HG DSN A 7 -2.79 3.13 -1.79
N THR A 8 1.07 0.63 -2.65
CA THR A 8 2.10 -0.03 -3.41
C THR A 8 2.42 -1.43 -2.91
N AFC A 1 1.39 -2.07 -2.52
CA AFC A 1 1.51 -3.45 -2.12
CB AFC A 1 0.91 -4.37 -3.21
C AFC A 1 1.52 -3.31 0.39
O AFC A 1 2.17 -4.07 1.09
CD AFC A 1 1.58 -5.76 -3.27
CE AFC A 1 2.72 -5.87 -4.30
CF AFC A 1 4.12 -5.53 -3.74
CI AFC A 1 4.72 -6.64 -2.84
CJ AFC A 1 5.92 -7.37 -3.49
CK AFC A 1 7.26 -6.66 -3.24
CL AFC A 1 8.45 -7.37 -3.91
CM AFC A 1 9.83 -6.89 -3.41
CN2 AFC A 1 10.04 -5.37 -3.61
CN1 AFC A 1 10.88 -7.75 -4.14
CO1 AFC A 1 12.29 -7.60 -3.54
CG AFC A 1 0.77 -3.83 -0.80
H AFC A 1 0.47 -1.68 -2.61
HA AFC A 1 2.55 -3.68 -1.98
HG1 AFC A 1 -0.27 -3.43 -0.83
HG2 AFC A 1 0.71 -4.93 -0.71
HB2 AFC A 1 -0.18 -4.50 -3.02
HB3 AFC A 1 0.23 -3.57 -3.49
HD1 AFC A 1 0.80 -6.51 -3.54
HD2 AFC A 1 1.97 -6.04 -2.26
HE1 AFC A 1 2.51 -5.18 -5.15
HE2 AFC A 1 2.74 -6.90 -4.71
HF1 AFC A 1 4.08 -4.58 -3.16
HF2 AFC A 1 4.80 -5.36 -4.60
HI1 AFC A 1 3.93 -7.39 -2.61
HI2 AFC A 1 5.04 -6.19 -1.88
HJ1 AFC A 1 5.74 -7.47 -4.58
HJ2 AFC A 1 5.97 -8.40 -3.06
HK1 AFC A 1 7.45 -6.61 -2.14
HK2 AFC A 1 7.19 -5.62 -3.62
HL1 AFC A 1 8.38 -7.20 -5.02
HL2 AFC A 1 8.35 -8.47 -3.73
HM AFC A 1 9.89 -7.10 -2.32
HN21 AFC A 1 11.11 -5.12 -3.61
HN22 AFC A 1 9.55 -4.81 -2.80
HN23 AFC A 1 9.59 -5.04 -4.58
HN11 AFC A 1 10.58 -8.82 -4.08
HN12 AFC A 1 10.91 -7.46 -5.21
HO11 AFC A 1 12.83 -6.75 -4.02
HO12 AFC A 1 12.88 -8.53 -3.72
HO13 AFC A 1 12.24 -7.42 -2.45
N ASN A 2 1.50 -1.99 0.58
CA ASN A 2 2.22 -1.28 1.59
C ASN A 2 1.82 0.10 1.15
N DTY A 3 2.46 1.14 1.71
CA DTY A 3 2.32 2.52 1.32
C DTY A 3 0.94 3.00 1.64
O DTY A 3 0.35 3.79 0.89
CB DTY A 3 3.32 3.45 2.05
CG DTY A 3 4.72 2.94 1.84
CD1 DTY A 3 5.44 2.36 2.90
CD2 DTY A 3 5.30 2.96 0.55
CE1 DTY A 3 6.72 1.82 2.68
CE2 DTY A 3 6.57 2.41 0.33
CZ DTY A 3 7.28 1.84 1.39
OH DTY A 3 8.55 1.26 1.19
H DTY A 3 3.20 0.94 2.34
HA DTY A 3 2.46 2.58 0.25
HB2 DTY A 3 3.27 4.48 1.63
HB3 DTY A 3 3.11 3.50 3.14
HD1 DTY A 3 4.76 3.39 -0.27
HD2 DTY A 3 5.01 2.33 3.89
HE1 DTY A 3 6.98 2.43 -0.66
HE2 DTY A 3 7.25 1.38 3.51
HH DTY A 3 8.75 1.30 0.26
N DSG A 4 0.37 2.48 2.73
CA DSG A 4 -1.03 2.47 2.96
C DSG A 4 -1.10 0.99 3.15
O DSG A 4 -0.40 0.46 4.01
CB DSG A 4 -1.50 3.20 4.24
CG DSG A 4 -3.03 3.08 4.45
OD1 DSG A 4 -3.59 1.98 4.45
ND2 DSG A 4 -3.71 4.25 4.66
H DSG A 4 0.81 1.77 3.28
HA DSG A 4 -1.58 2.77 2.08
HB2 DSG A 4 -0.99 2.78 5.14
HB3 DSG A 4 -1.21 4.26 4.17
HD21 DSG A 4 -3.23 5.12 4.69
HD22 DSG A 4 -4.70 4.21 4.84
N SER A 5 -1.86 0.31 2.30
CA SER A 5 -2.19 -1.08 2.48
C SER A 5 -2.55 -1.46 1.09
N GLU A 6 -3.67 -0.88 0.61
CA GLU A 6 -3.87 -0.64 -0.79
C GLU A 6 -3.06 0.60 -1.01
N DSN A 7 -2.20 0.58 -2.03
CA DSN A 7 -1.07 1.47 -2.05
C DSN A 7 -0.17 0.60 -2.83
O DSN A 7 -0.65 -0.29 -3.54
CB DSN A 7 -1.35 2.81 -2.76
OG DSN A 7 -2.37 3.50 -2.05
H DSN A 7 -2.07 -0.14 -2.72
HA DSN A 7 -0.69 1.60 -1.06
HB2 DSN A 7 -0.43 3.43 -2.78
HB3 DSN A 7 -1.71 2.63 -3.81
HG DSN A 7 -2.69 2.87 -1.38
N THR A 8 1.15 0.74 -2.66
CA THR A 8 2.21 0.09 -3.37
C THR A 8 2.46 -1.33 -2.91
N AFC A 1 1.35 -2.06 -2.65
CA AFC A 1 1.32 -3.45 -2.25
CB AFC A 1 0.53 -4.30 -3.27
C AFC A 1 1.37 -3.27 0.26
O AFC A 1 2.02 -4.06 0.93
CD AFC A 1 1.07 -4.27 -4.71
CE AFC A 1 0.16 -3.57 -5.72
CF AFC A 1 -1.15 -4.32 -6.01
CI AFC A 1 -2.36 -3.39 -6.25
CJ AFC A 1 -3.61 -4.12 -6.77
CK AFC A 1 -4.68 -4.38 -5.69
CL AFC A 1 -4.58 -5.78 -5.04
CM AFC A 1 -4.98 -5.85 -3.55
CN2 AFC A 1 -6.42 -5.34 -3.29
CN1 AFC A 1 -3.93 -5.09 -2.71
CO1 AFC A 1 -4.00 -5.41 -1.21
CG AFC A 1 0.56 -3.72 -0.91
H AFC A 1 0.47 -1.61 -2.83
HA AFC A 1 2.33 -3.82 -2.14
HG1 AFC A 1 0.36 -4.80 -0.79
HG2 AFC A 1 -0.42 -3.19 -0.93
HB2 AFC A 1 0.50 -5.36 -2.93
HB3 AFC A 1 -0.16 -4.59 -2.48
HD1 AFC A 1 1.24 -5.32 -5.05
HD2 AFC A 1 2.07 -3.77 -4.73
HE1 AFC A 1 0.71 -3.46 -6.68
HE2 AFC A 1 -0.08 -2.54 -5.36
HF1 AFC A 1 -1.40 -5.00 -5.16
HF2 AFC A 1 -1.00 -4.95 -6.91
HI1 AFC A 1 -2.06 -2.61 -6.99
HI2 AFC A 1 -2.59 -2.87 -5.29
HJ1 AFC A 1 -3.32 -5.08 -7.22
HJ2 AFC A 1 -4.06 -3.49 -7.56
HK1 AFC A 1 -5.69 -4.30 -6.16
HK2 AFC A 1 -4.62 -3.58 -4.91
HL1 AFC A 1 -3.53 -6.14 -5.14
HL2 AFC A 1 -5.23 -6.48 -5.62
HM AFC A 1 -4.95 -6.92 -3.25
HN21 AFC A 1 -6.43 -4.25 -3.09
HN22 AFC A 1 -6.86 -5.86 -2.41
HN23 AFC A 1 -7.07 -5.56 -4.17
HN11 AFC A 1 -2.91 -5.34 -3.09
HN12 AFC A 1 -4.08 -4.00 -2.83
HO11 AFC A 1 -4.93 -4.99 -0.78
HO12 AFC A 1 -3.12 -4.98 -0.69
HO13 AFC A 1 -4.00 -6.51 -1.05
N ASN A 2 1.37 -1.95 0.49
CA ASN A 2 2.10 -1.28 1.51
C ASN A 2 1.73 0.09 1.07
N DTY A 3 2.42 1.11 1.60
CA DTY A 3 2.23 2.51 1.30
C DTY A 3 0.84 2.92 1.62
O DTY A 3 0.22 3.69 0.89
CB DTY A 3 3.18 3.43 2.11
CG DTY A 3 4.60 3.14 1.73
CD1 DTY A 3 5.43 2.35 2.54
CD2 DTY A 3 5.09 3.64 0.51
CE1 DTY A 3 6.72 2.03 2.11
CE2 DTY A 3 6.40 3.34 0.10
CZ DTY A 3 7.20 2.51 0.89
OH DTY A 3 8.49 2.18 0.43
H DTY A 3 3.22 0.89 2.14
HA DTY A 3 2.39 2.65 0.24
HB2 DTY A 3 2.98 4.50 1.87
HB3 DTY A 3 3.06 3.28 3.20
HD1 DTY A 3 4.47 4.26 -0.11
HD2 DTY A 3 5.06 1.97 3.48
HE1 DTY A 3 6.76 3.73 -0.84
HE2 DTY A 3 7.35 1.41 2.75
HH DTY A 3 8.85 1.52 1.01
N DSG A 4 0.31 2.43 2.75
CA DSG A 4 -1.07 2.55 3.08
C DSG A 4 -1.40 1.15 3.45
O DSG A 4 -1.11 0.72 4.57
CB DSG A 4 -1.34 3.47 4.32
CG DSG A 4 -1.32 4.97 4.02
OD1 DSG A 4 -1.68 5.76 4.91
ND2 DSG A 4 -0.92 5.39 2.78
H DSG A 4 0.83 1.81 3.34
HA DSG A 4 -1.67 2.83 2.23
HB2 DSG A 4 -2.34 3.23 4.75
HB3 DSG A 4 -0.58 3.26 5.10
HD21 DSG A 4 -0.59 4.73 2.09
HD22 DSG A 4 -0.94 6.36 2.57
N SER A 5 -1.96 0.35 2.52
CA SER A 5 -2.21 -1.05 2.73
C SER A 5 -2.52 -1.55 1.35
N GLU A 6 -3.47 -0.87 0.66
CA GLU A 6 -3.46 -0.81 -0.77
C GLU A 6 -2.73 0.48 -0.97
N DSN A 7 -2.06 0.64 -2.12
CA DSN A 7 -1.02 1.58 -2.30
C DSN A 7 -0.07 0.63 -2.95
O DSN A 7 -0.55 -0.28 -3.62
CB DSN A 7 -1.36 2.70 -3.30
OG DSN A 7 -2.37 3.56 -2.78
H DSN A 7 -2.00 -0.07 -2.84
HA DSN A 7 -0.63 1.94 -1.36
HB2 DSN A 7 -0.46 3.30 -3.55
HB3 DSN A 7 -1.75 2.25 -4.26
HG DSN A 7 -3.13 3.00 -2.59
N THR A 8 1.24 0.76 -2.72
CA THR A 8 2.31 0.07 -3.38
C THR A 8 2.48 -1.36 -2.92
N AFC A 1 1.26 -2.04 -2.47
CA AFC A 1 1.28 -3.46 -2.15
CB AFC A 1 0.43 -4.25 -3.18
C AFC A 1 1.51 -3.36 0.34
O AFC A 1 2.28 -4.11 0.94
CD AFC A 1 1.06 -4.37 -4.58
CE AFC A 1 0.65 -3.28 -5.60
CF AFC A 1 -0.83 -3.24 -5.97
CI AFC A 1 -1.50 -1.90 -5.63
CJ AFC A 1 -2.97 -1.83 -6.05
CK AFC A 1 -3.73 -0.65 -5.42
CL AFC A 1 -3.37 0.71 -6.03
CM AFC A 1 -4.38 1.83 -5.68
CN2 AFC A 1 -5.72 1.66 -6.42
CN1 AFC A 1 -3.68 3.17 -5.97
CO1 AFC A 1 -4.48 4.39 -5.48
CG AFC A 1 0.67 -3.85 -0.79
H AFC A 1 0.35 -1.59 -2.36
HA AFC A 1 2.31 -3.79 -2.15
HG1 AFC A 1 0.60 -4.97 -0.71
HG2 AFC A 1 -0.37 -3.45 -0.70
HB2 AFC A 1 0.31 -5.29 -2.80
HB3 AFC A 1 -0.30 -4.45 -2.40
HD1 AFC A 1 0.80 -5.36 -5.02
HD2 AFC A 1 2.17 -4.34 -4.48
HE1 AFC A 1 1.24 -3.44 -6.53
HE2 AFC A 1 0.96 -2.28 -5.20
HF1 AFC A 1 -1.37 -4.06 -5.44
HF2 AFC A 1 -0.94 -3.43 -7.06
HI1 AFC A 1 -0.94 -1.08 -6.13
HI2 AFC A 1 -1.43 -1.73 -4.53
HJ1 AFC A 1 -3.48 -2.77 -5.75
HJ2 AFC A 1 -3.03 -1.75 -7.16
HK1 AFC A 1 -3.50 -0.63 -4.32
HK2 AFC A 1 -4.82 -0.83 -5.52
HL1 AFC A 1 -3.30 0.61 -7.13
HL2 AFC A 1 -2.36 1.00 -5.65
HM AFC A 1 -4.59 1.78 -4.59
HN21 AFC A 1 -6.11 2.64 -6.79
HN22 AFC A 1 -6.49 1.23 -5.75
HN23 AFC A 1 -5.60 0.99 -7.30
HN11 AFC A 1 -2.69 3.18 -5.46
HN12 AFC A 1 -3.50 3.26 -7.06
HO11 AFC A 1 -3.79 5.19 -5.12
HO12 AFC A 1 -5.15 4.10 -4.64
HO13 AFC A 1 -5.10 4.80 -6.31
N ASN A 2 1.43 -2.05 0.60
CA ASN A 2 2.18 -1.31 1.54
C ASN A 2 1.76 0.05 1.05
N DTY A 3 2.40 1.12 1.53
CA DTY A 3 2.13 2.49 1.15
C DTY A 3 0.74 2.89 1.53
O DTY A 3 -0.02 3.47 0.74
CB DTY A 3 3.10 3.50 1.83
CG DTY A 3 4.53 3.05 1.60
CD1 DTY A 3 5.09 3.12 0.31
CD2 DTY A 3 5.30 2.51 2.64
CE1 DTY A 3 6.37 2.62 0.06
CE2 DTY A 3 6.58 2.01 2.40
CZ DTY A 3 7.12 2.06 1.11
OH DTY A 3 8.41 1.54 0.88
H DTY A 3 3.21 0.97 2.08
HA DTY A 3 2.22 2.55 0.07
HB2 DTY A 3 2.98 4.51 1.39
HB3 DTY A 3 2.93 3.55 2.92
HD1 DTY A 3 4.88 2.45 3.63
HD2 DTY A 3 4.52 3.52 -0.51
HE1 DTY A 3 7.15 1.60 3.22
HE2 DTY A 3 6.76 2.66 -0.95
HH DTY A 3 8.64 1.69 -0.04
N DSG A 4 0.35 2.52 2.77
CA DSG A 4 -1.03 2.53 3.18
C DSG A 4 -1.21 1.07 3.44
O DSG A 4 -0.83 0.55 4.49
CB DSG A 4 -1.35 3.36 4.46
CG DSG A 4 -2.85 3.31 4.79
OD1 DSG A 4 -3.63 2.55 4.20
ND2 DSG A 4 -3.26 4.14 5.79
H DSG A 4 0.96 2.01 3.37
HA DSG A 4 -1.67 2.84 2.37
HB2 DSG A 4 -0.76 2.98 5.32
HB3 DSG A 4 -1.06 4.41 4.26
HD21 DSG A 4 -2.61 4.72 6.27
HD22 DSG A 4 -4.22 4.15 6.05
N SER A 5 -1.81 0.39 2.48
CA SER A 5 -2.41 -0.89 2.68
C SER A 5 -2.57 -1.42 1.29
N GLU A 6 -3.39 -0.70 0.49
CA GLU A 6 -3.51 -0.92 -0.93
C GLU A 6 -2.26 -0.39 -1.57
N DSN A 7 -2.19 0.95 -1.73
CA DSN A 7 -0.98 1.70 -1.94
C DSN A 7 -0.07 1.18 -3.01
O DSN A 7 -0.32 1.30 -4.20
CB DSN A 7 -1.27 3.20 -2.19
OG DSN A 7 -1.96 3.71 -1.06
H DSN A 7 -2.97 1.54 -1.56
HA DSN A 7 -0.44 1.65 -1.01
HB2 DSN A 7 -0.33 3.76 -2.31
HB3 DSN A 7 -1.89 3.32 -3.10
HG DSN A 7 -1.30 3.74 -0.34
N THR A 8 1.04 0.58 -2.55
CA THR A 8 2.10 0.06 -3.37
C THR A 8 2.32 -1.37 -2.96
N AFC A 1 1.31 -2.03 -2.38
CA AFC A 1 1.39 -3.42 -2.02
CB AFC A 1 0.64 -4.28 -3.07
C AFC A 1 1.65 -3.32 0.49
O AFC A 1 2.32 -4.09 1.19
CD AFC A 1 -0.79 -3.76 -3.37
CE AFC A 1 -1.67 -4.81 -4.08
CF AFC A 1 -2.98 -5.12 -3.32
CI AFC A 1 -2.78 -6.00 -2.08
CJ AFC A 1 -3.18 -5.31 -0.76
CK AFC A 1 -4.51 -5.82 -0.16
CL AFC A 1 -5.74 -5.15 -0.78
CM AFC A 1 -7.10 -5.75 -0.35
CN2 AFC A 1 -7.28 -5.83 1.18
CN1 AFC A 1 -7.27 -7.12 -1.04
CO1 AFC A 1 -8.66 -7.73 -0.84
CG AFC A 1 0.81 -3.82 -0.64
H AFC A 1 0.40 -1.61 -2.41
HA AFC A 1 2.44 -3.71 -1.99
HG1 AFC A 1 0.76 -4.93 -0.56
HG2 AFC A 1 -0.23 -3.44 -0.53
HB2 AFC A 1 1.21 -4.23 -4.02
HB3 AFC A 1 1.52 -4.91 -3.17
HD1 AFC A 1 -0.71 -2.88 -4.04
HD2 AFC A 1 -1.28 -3.44 -2.44
HE1 AFC A 1 -1.10 -5.75 -4.20
HE2 AFC A 1 -1.92 -4.44 -5.09
HF1 AFC A 1 -3.68 -5.64 -4.03
HF2 AFC A 1 -3.47 -4.15 -3.03
HI1 AFC A 1 -1.72 -6.31 -2.00
HI2 AFC A 1 -3.39 -6.93 -2.21
HJ1 AFC A 1 -3.25 -4.22 -0.91
HJ2 AFC A 1 -2.37 -5.50 -0.01
HK1 AFC A 1 -4.49 -5.62 0.93
HK2 AFC A 1 -4.57 -6.92 -0.29
HL1 AFC A 1 -5.67 -5.18 -1.88
HL2 AFC A 1 -5.73 -4.07 -0.49
HM AFC A 1 -7.89 -5.08 -0.74
HN21 AFC A 1 -6.74 -4.99 1.68
HN22 AFC A 1 -6.87 -6.79 1.58
HN23 AFC A 1 -8.35 -5.76 1.44
HN11 AFC A 1 -7.07 -7.00 -2.13
HN12 AFC A 1 -6.52 -7.84 -0.64
HO11 AFC A 1 -9.44 -6.94 -0.91
HO12 AFC A 1 -8.74 -8.22 0.16
HO13 AFC A 1 -8.86 -8.49 -1.62
N ASN A 2 1.68 -1.99 0.66
CA ASN A 2 2.46 -1.27 1.61
C ASN A 2 2.00 0.08 1.19
N DTY A 3 2.64 1.15 1.69
CA DTY A 3 2.42 2.53 1.32
C DTY A 3 0.98 2.93 1.44
O DTY A 3 0.43 3.58 0.54
CB DTY A 3 3.26 3.52 2.19
CG DTY A 3 4.71 3.18 2.04
CD1 DTY A 3 5.33 3.28 0.78
CD2 DTY A 3 5.47 2.74 3.14
CE1 DTY A 3 6.68 2.93 0.62
CE2 DTY A 3 6.81 2.39 2.98
CZ DTY A 3 7.42 2.48 1.72
OH DTY A 3 8.78 2.12 1.57
H DTY A 3 3.43 0.99 2.26
HA DTY A 3 2.69 2.63 0.28
HB2 DTY A 3 3.11 4.57 1.84
HB3 DTY A 3 2.97 3.46 3.25
HD1 DTY A 3 5.01 2.66 4.10
HD2 DTY A 3 4.78 3.62 -0.08
HE1 DTY A 3 7.38 2.05 3.83
HE2 DTY A 3 7.12 3.00 -0.37
HH DTY A 3 9.00 2.18 0.64
N DSG A 4 0.31 2.46 2.51
CA DSG A 4 -1.12 2.35 2.52
C DSG A 4 -1.23 0.95 3.00
O DSG A 4 -0.74 0.59 4.07
CB DSG A 4 -1.88 3.32 3.46
CG DSG A 4 -3.38 3.01 3.51
OD1 DSG A 4 -3.95 2.94 4.61
ND2 DSG A 4 -4.04 2.80 2.33
H DSG A 4 0.72 1.88 3.20
HA DSG A 4 -1.48 2.43 1.51
HB2 DSG A 4 -1.46 3.24 4.49
HB3 DSG A 4 -1.75 4.36 3.11
HD21 DSG A 4 -3.55 2.66 1.46
HD22 DSG A 4 -5.03 2.70 2.35
N SER A 5 -1.88 0.13 2.18
CA SER A 5 -2.18 -1.26 2.39
C SER A 5 -2.70 -1.58 1.04
N GLU A 6 -3.74 -0.83 0.62
CA GLU A 6 -3.95 -0.54 -0.78
C GLU A 6 -3.10 0.71 -0.92
N DSN A 7 -2.25 0.78 -1.95
CA DSN A 7 -1.05 1.54 -1.84
C DSN A 7 -0.20 0.66 -2.69
O DSN A 7 -0.73 -0.17 -3.42
CB DSN A 7 -1.13 2.99 -2.37
OG DSN A 7 0.06 3.73 -2.08
H DSN A 7 -2.16 0.12 -2.71
HA DSN A 7 -0.69 1.51 -0.82
HB2 DSN A 7 -1.30 3.00 -3.47
HB3 DSN A 7 -1.98 3.51 -1.88
HG DSN A 7 0.13 3.78 -1.10
N THR A 8 1.13 0.78 -2.56
CA THR A 8 2.15 0.10 -3.30
C THR A 8 2.37 -1.33 -2.84
N AFC A 1 1.18 -2.01 -2.34
CA AFC A 1 1.12 -3.41 -1.97
CB AFC A 1 0.29 -4.23 -3.00
C AFC A 1 1.39 -3.29 0.53
O AFC A 1 2.05 -4.07 1.22
CD AFC A 1 -1.19 -3.80 -3.21
CE AFC A 1 -1.44 -2.70 -4.26
CF AFC A 1 -1.35 -3.18 -5.72
CI AFC A 1 -0.82 -2.10 -6.67
CJ AFC A 1 0.72 -2.03 -6.73
CK AFC A 1 1.36 -3.11 -7.62
CL AFC A 1 2.54 -3.84 -6.95
CM AFC A 1 2.76 -5.26 -7.52
CN2 AFC A 1 1.79 -6.30 -6.91
CN1 AFC A 1 4.25 -5.63 -7.26
CO1 AFC A 1 4.59 -7.06 -7.68
CG AFC A 1 0.50 -3.76 -0.58
H AFC A 1 0.36 -1.47 -2.12
HA AFC A 1 2.13 -3.77 -1.92
HG1 AFC A 1 0.38 -4.86 -0.49
HG2 AFC A 1 -0.50 -3.29 -0.47
HB2 AFC A 1 0.80 -4.14 -3.99
HB3 AFC A 1 1.17 -4.83 -3.21
HD1 AFC A 1 -1.62 -3.45 -2.24
HD2 AFC A 1 -1.77 -4.70 -3.51
HE1 AFC A 1 -0.74 -1.86 -4.10
HE2 AFC A 1 -2.47 -2.30 -4.09
HF1 AFC A 1 -2.36 -3.49 -6.06
HF2 AFC A 1 -0.69 -4.08 -5.78
HI1 AFC A 1 -1.20 -1.10 -6.34
HI2 AFC A 1 -1.21 -2.28 -7.69
HJ1 AFC A 1 1.13 -2.12 -5.70
HJ2 AFC A 1 1.02 -1.03 -7.12
HK1 AFC A 1 1.71 -2.64 -8.56
HK2 AFC A 1 0.58 -3.86 -7.89
HL1 AFC A 1 2.37 -3.91 -5.86
HL2 AFC A 1 3.45 -3.23 -7.11
HM AFC A 1 2.59 -5.24 -8.61
HN21 AFC A 1 2.20 -6.71 -5.96
HN22 AFC A 1 1.62 -7.13 -7.61
HN23 AFC A 1 0.81 -5.83 -6.67
HN11 AFC A 1 4.88 -4.92 -7.84
HN12 AFC A 1 4.47 -5.50 -6.18
HO11 AFC A 1 4.06 -7.33 -8.63
HO12 AFC A 1 4.29 -7.79 -6.90
HO13 AFC A 1 5.68 -7.15 -7.86
N ASN A 2 1.49 -1.97 0.65
CA ASN A 2 2.34 -1.23 1.51
C ASN A 2 1.94 0.10 0.96
N DTY A 3 2.42 1.20 1.54
CA DTY A 3 2.01 2.53 1.12
C DTY A 3 0.59 2.78 1.54
O DTY A 3 -0.18 3.44 0.83
CB DTY A 3 2.90 3.65 1.71
CG DTY A 3 4.28 3.56 1.12
CD1 DTY A 3 5.39 3.24 1.92
CD2 DTY A 3 4.48 3.76 -0.25
CE1 DTY A 3 6.68 3.14 1.36
CE2 DTY A 3 5.75 3.66 -0.83
CZ DTY A 3 6.85 3.33 -0.02
OH DTY A 3 8.14 3.21 -0.58
H DTY A 3 3.13 1.11 2.22
HA DTY A 3 2.04 2.56 0.04
HB2 DTY A 3 2.49 4.65 1.43
HB3 DTY A 3 2.96 3.58 2.81
HD1 DTY A 3 3.64 4.00 -0.89
HD2 DTY A 3 5.27 3.07 2.98
HE1 DTY A 3 5.86 3.80 -1.89
HE2 DTY A 3 7.52 2.89 1.99
HH DTY A 3 8.07 3.36 -1.52
N DSG A 4 0.21 2.27 2.72
CA DSG A 4 -1.12 2.40 3.29
C DSG A 4 -1.99 1.25 2.83
O DSG A 4 -3.14 1.48 2.45
CB DSG A 4 -1.13 2.47 4.84
CG DSG A 4 -0.43 1.28 5.53
OD1 DSG A 4 0.54 0.73 4.99
ND2 DSG A 4 -0.92 0.88 6.73
H DSG A 4 0.82 1.72 3.29
HA DSG A 4 -1.56 3.31 2.91
HB2 DSG A 4 -0.60 3.40 5.15
HB3 DSG A 4 -2.18 2.54 5.19
HD21 DSG A 4 -1.73 1.32 7.11
HD22 DSG A 4 -0.52 0.09 7.18
N SER A 5 -1.45 0.01 2.87
CA SER A 5 -2.16 -1.25 2.71
C SER A 5 -2.61 -1.55 1.31
N GLU A 6 -3.19 -0.55 0.62
CA GLU A 6 -3.47 -0.60 -0.79
C GLU A 6 -2.17 -0.14 -1.40
N DSN A 7 -2.08 1.12 -1.83
CA DSN A 7 -0.83 1.78 -2.06
C DSN A 7 0.00 1.15 -3.15
O DSN A 7 -0.35 1.17 -4.33
CB DSN A 7 -1.02 3.29 -2.29
OG DSN A 7 -1.80 3.82 -1.23
H DSN A 7 -2.86 1.75 -1.81
HA DSN A 7 -0.27 1.69 -1.13
HB2 DSN A 7 -0.03 3.81 -2.31
HB3 DSN A 7 -1.54 3.46 -3.25
HG DSN A 7 -1.24 3.76 -0.42
N THR A 8 1.13 0.58 -2.71
CA THR A 8 2.13 -0.06 -3.50
C THR A 8 2.21 -1.50 -3.06
N AFC A 1 1.44 -2.14 -2.53
CA AFC A 1 1.45 -3.54 -2.20
CB AFC A 1 0.56 -4.32 -3.20
C AFC A 1 1.70 -3.38 0.31
O AFC A 1 2.51 -4.09 0.90
CD AFC A 1 0.87 -4.02 -4.68
CE AFC A 1 -0.06 -4.77 -5.66
CF AFC A 1 0.41 -6.20 -5.99
CI AFC A 1 1.42 -6.24 -7.15
CJ AFC A 1 1.74 -7.66 -7.64
CK AFC A 1 0.64 -8.33 -8.49
CL AFC A 1 0.30 -7.61 -9.79
CM AFC A 1 -0.27 -8.52 -10.90
CN2 AFC A 1 -0.34 -7.81 -12.27
CN1 AFC A 1 -1.64 -9.11 -10.47
CO1 AFC A 1 -2.73 -8.08 -10.21
CG AFC A 1 0.87 -3.93 -0.81
H AFC A 1 0.54 -1.69 -2.61
HA AFC A 1 2.48 -3.89 -2.22
HG1 AFC A 1 0.86 -5.04 -0.72
HG2 AFC A 1 -0.18 -3.57 -0.71
HB2 AFC A 1 0.70 -5.41 -3.03
HB3 AFC A 1 0.05 -4.79 -2.36
HD1 AFC A 1 1.93 -4.27 -4.90
HD2 AFC A 1 0.74 -2.93 -4.87
HE1 AFC A 1 -0.13 -4.19 -6.59
HE2 AFC A 1 -1.07 -4.82 -5.21
HF1 AFC A 1 -0.49 -6.80 -6.26
HF2 AFC A 1 0.87 -6.67 -5.09
HI1 AFC A 1 2.36 -5.77 -6.81
HI2 AFC A 1 1.03 -5.62 -7.99
HJ1 AFC A 1 1.94 -8.31 -6.75
HJ2 AFC A 1 2.68 -7.63 -8.24
HK1 AFC A 1 -0.28 -8.41 -7.87
HK2 AFC A 1 0.98 -9.36 -8.72
HL1 AFC A 1 1.22 -7.12 -10.18
HL2 AFC A 1 -0.42 -6.79 -9.58
HM AFC A 1 0.44 -9.38 -11.01
HN21 AFC A 1 0.68 -7.75 -12.72
HN22 AFC A 1 -0.73 -6.78 -12.16
HN23 AFC A 1 -1.00 -8.36 -12.97
HN11 AFC A 1 -1.98 -9.80 -11.27
HN12 AFC A 1 -1.50 -9.72 -9.56
HO11 AFC A 1 -2.61 -7.61 -9.21
HO12 AFC A 1 -3.73 -8.55 -10.24
HO13 AFC A 1 -2.71 -7.27 -10.98
N ASN A 2 1.54 -2.08 0.57
CA ASN A 2 2.23 -1.28 1.52
C ASN A 2 1.71 0.02 1.02
N DTY A 3 2.33 1.15 1.40
CA DTY A 3 1.89 2.49 1.06
C DTY A 3 0.48 2.75 1.52
O DTY A 3 -0.32 3.34 0.80
CB DTY A 3 2.76 3.59 1.72
CG DTY A 3 4.17 3.52 1.19
CD1 DTY A 3 4.43 3.93 -0.13
CD2 DTY A 3 5.24 3.10 2.00
CE1 DTY A 3 5.74 3.88 -0.64
CE2 DTY A 3 6.54 3.07 1.49
CZ DTY A 3 6.79 3.46 0.17
OH DTY A 3 8.12 3.43 -0.33
H DTY A 3 3.22 1.07 1.83
HA DTY A 3 1.92 2.57 -0.01
HB2 DTY A 3 2.36 4.59 1.48
HB3 DTY A 3 2.77 3.47 2.83
HD1 DTY A 3 5.06 2.80 3.03
HD2 DTY A 3 3.62 4.25 -0.77
HE1 DTY A 3 7.36 2.74 2.14
HE2 DTY A 3 5.91 4.18 -1.67
HH DTY A 3 8.10 3.76 -1.23
N DSG A 4 0.15 2.29 2.75
CA DSG A 4 -1.15 2.44 3.35
C DSG A 4 -2.00 1.25 3.00
O DSG A 4 -3.21 1.36 2.85
CB DSG A 4 -1.06 2.56 4.91
CG DSG A 4 -0.38 1.36 5.57
OD1 DSG A 4 0.64 0.86 5.07
ND2 DSG A 4 -0.96 0.84 6.70
H DSG A 4 0.82 1.81 3.32
HA DSG A 4 -1.62 3.32 2.95
HB2 DSG A 4 -0.48 3.47 5.16
HB3 DSG A 4 -2.09 2.70 5.30
HD21 DSG A 4 -1.74 1.29 7.12
HD22 DSG A 4 -0.53 0.05 7.14
N SER A 5 -1.35 0.07 2.87
CA SER A 5 -1.93 -1.23 2.55
C SER A 5 -2.35 -1.27 1.11
N GLU A 6 -3.35 -0.46 0.74
CA GLU A 6 -3.79 -0.31 -0.62
C GLU A 6 -3.02 0.89 -1.09
N DSN A 7 -2.02 0.65 -1.95
CA DSN A 7 -0.94 1.54 -2.17
C DSN A 7 -0.05 0.53 -2.81
O DSN A 7 -0.57 -0.45 -3.36
CB DSN A 7 -1.25 2.69 -3.16
OG DSN A 7 -2.18 3.59 -2.56
H DSN A 7 -1.83 -0.23 -2.40
HA DSN A 7 -0.52 1.87 -1.23
HB2 DSN A 7 -0.33 3.24 -3.42
HB3 DSN A 7 -1.70 2.27 -4.09
HG DSN A 7 -2.62 3.07 -1.86
N THR A 8 1.28 0.70 -2.70
CA THR A 8 2.30 -0.02 -3.41
C THR A 8 2.53 -1.43 -2.92
N AFC A 1 1.12 -2.00 -2.27
CA AFC A 1 1.10 -3.37 -1.78
CB AFC A 1 0.28 -4.27 -2.74
C AFC A 1 1.45 -3.09 0.67
O AFC A 1 2.10 -3.87 1.36
CD AFC A 1 -1.17 -3.81 -2.96
CE AFC A 1 -1.43 -3.24 -4.36
CF AFC A 1 -2.63 -2.28 -4.38
CI AFC A 1 -3.04 -1.88 -5.81
CJ AFC A 1 -4.26 -0.93 -5.83
CK AFC A 1 -3.91 0.52 -5.45
CL AFC A 1 -4.87 1.56 -6.02
CM AFC A 1 -4.64 1.85 -7.53
CN2 AFC A 1 -4.15 3.29 -7.78
CN1 AFC A 1 -5.97 1.53 -8.26
CO1 AFC A 1 -5.90 1.73 -9.78
CG AFC A 1 0.49 -3.59 -0.37
H AFC A 1 0.34 -1.42 -2.04
HA AFC A 1 2.13 -3.72 -1.73
HG1 AFC A 1 -0.48 -3.05 -0.28
HG2 AFC A 1 0.32 -4.67 -0.20
HB2 AFC A 1 0.79 -4.30 -3.73
HB3 AFC A 1 1.16 -4.91 -2.86
HD1 AFC A 1 -1.46 -3.05 -2.21
HD2 AFC A 1 -1.84 -4.69 -2.82
HE1 AFC A 1 -1.60 -4.07 -5.08
HE2 AFC A 1 -0.52 -2.68 -4.70
HF1 AFC A 1 -2.35 -1.35 -3.83
HF2 AFC A 1 -3.48 -2.75 -3.86
HI1 AFC A 1 -3.30 -2.80 -6.38
HI2 AFC A 1 -2.19 -1.39 -6.32
HJ1 AFC A 1 -5.04 -1.32 -5.14
HJ2 AFC A 1 -4.69 -0.95 -6.86
HK1 AFC A 1 -2.88 0.75 -5.80
HK2 AFC A 1 -3.91 0.60 -4.34
HL1 AFC A 1 -4.75 2.51 -5.44
HL2 AFC A 1 -5.92 1.21 -5.85
HM AFC A 1 -3.87 1.16 -7.90
HN21 AFC A 1 -3.81 3.40 -8.83
HN22 AFC A 1 -3.29 3.53 -7.11
HN23 AFC A 1 -4.96 4.03 -7.59
HN11 AFC A 1 -6.25 0.47 -8.05
HN12 AFC A 1 -6.78 2.17 -7.83
HO11 AFC A 1 -4.91 1.43 -10.16
HO12 AFC A 1 -6.07 2.80 -10.03
HO13 AFC A 1 -6.67 1.11 -10.28
N ASN A 2 1.60 -1.77 0.72
CA ASN A 2 2.53 -1.07 1.54
C ASN A 2 2.12 0.29 1.09
N DTY A 3 2.72 1.33 1.66
CA DTY A 3 2.29 2.70 1.49
C DTY A 3 1.15 2.95 2.44
O DTY A 3 1.19 3.89 3.24
CB DTY A 3 3.41 3.73 1.83
CG DTY A 3 4.64 3.50 0.98
CD1 DTY A 3 5.86 3.15 1.58
CD2 DTY A 3 4.56 3.61 -0.41
CE1 DTY A 3 6.99 2.90 0.79
CE2 DTY A 3 5.69 3.34 -1.21
CZ DTY A 3 6.90 2.99 -0.60
OH DTY A 3 8.04 2.70 -1.40
H DTY A 3 3.52 1.16 2.23
HA DTY A 3 1.94 2.84 0.47
HB2 DTY A 3 3.05 4.77 1.62
HB3 DTY A 3 3.69 3.66 2.90
HD1 DTY A 3 3.63 3.85 -0.90
HD2 DTY A 3 5.93 3.07 2.65
HE1 DTY A 3 5.60 3.41 -2.28
HE2 DTY A 3 7.93 2.63 1.27
HH DTY A 3 7.75 2.66 -2.31
N DSG A 4 0.12 2.09 2.39
CA DSG A 4 -0.97 2.13 3.33
C DSG A 4 -1.95 1.11 2.83
O DSG A 4 -3.05 1.46 2.41
CB DSG A 4 -0.57 1.78 4.80
CG DSG A 4 -1.78 1.86 5.72
OD1 DSG A 4 -2.44 0.84 5.95
ND2 DSG A 4 -2.09 3.08 6.25
H DSG A 4 0.07 1.39 1.67
HA DSG A 4 -1.43 3.11 3.28
HB2 DSG A 4 -0.13 0.77 4.86
HB3 DSG A 4 0.21 2.49 5.14
HD21 DSG A 4 -1.53 3.88 6.02
HD22 DSG A 4 -2.87 3.17 6.85
N SER A 5 -1.55 -0.18 2.88
CA SER A 5 -2.38 -1.36 2.70
C SER A 5 -2.81 -1.59 1.27
N GLU A 6 -3.31 -0.54 0.60
CA GLU A 6 -3.53 -0.51 -0.81
C GLU A 6 -2.22 -0.02 -1.40
N DSN A 7 -2.26 1.06 -2.22
CA DSN A 7 -1.11 1.75 -2.72
C DSN A 7 -0.19 0.85 -3.51
O DSN A 7 -0.49 0.44 -4.62
CB DSN A 7 -1.53 2.91 -3.64
OG DSN A 7 -2.64 3.59 -3.07
H DSN A 7 -3.10 1.55 -2.41
HA DSN A 7 -0.58 2.14 -1.86
HB2 DSN A 7 -0.69 3.61 -3.80
HB3 DSN A 7 -1.85 2.52 -4.64
HG DSN A 7 -2.87 4.30 -3.68
N THR A 8 0.97 0.54 -2.91
CA THR A 8 2.04 -0.14 -3.57
C THR A 8 2.15 -1.54 -3.03
N AFC A 1 1.22 -2.06 -2.12
CA AFC A 1 1.27 -3.46 -1.73
CB AFC A 1 0.29 -4.30 -2.57
C AFC A 1 1.83 -3.23 0.73
O AFC A 1 2.63 -3.94 1.34
CD AFC A 1 0.54 -4.20 -4.10
CE AFC A 1 -0.48 -4.98 -4.94
CF AFC A 1 0.09 -6.26 -5.60
CI AFC A 1 -0.20 -7.55 -4.82
CJ AFC A 1 0.96 -8.02 -3.95
CK AFC A 1 0.52 -8.80 -2.70
CL AFC A 1 -0.15 -10.14 -3.03
CM AFC A 1 -0.41 -11.01 -1.77
CN2 AFC A 1 0.83 -11.85 -1.37
CN1 AFC A 1 -1.65 -11.89 -2.05
CO1 AFC A 1 -2.06 -12.76 -0.87
CG AFC A 1 0.87 -3.81 -0.26
H AFC A 1 0.36 -1.58 -1.99
HA AFC A 1 2.30 -3.80 -1.83
HG1 AFC A 1 -0.15 -3.45 -0.05
HG2 AFC A 1 0.87 -4.91 -0.14
HB2 AFC A 1 0.38 -5.37 -2.27
HB3 AFC A 1 -0.20 -4.64 -1.66
HD1 AFC A 1 1.57 -4.56 -4.30
HD2 AFC A 1 0.49 -3.13 -4.39
HE1 AFC A 1 -0.85 -4.31 -5.74
HE2 AFC A 1 -1.35 -5.25 -4.31
HF1 AFC A 1 1.19 -6.15 -5.73
HF2 AFC A 1 -0.34 -6.35 -6.61
HI1 AFC A 1 -0.43 -8.36 -5.56
HI2 AFC A 1 -1.11 -7.42 -4.19
HJ1 AFC A 1 1.56 -7.13 -3.61
HJ2 AFC A 1 1.64 -8.66 -4.56
HK1 AFC A 1 -0.19 -8.17 -2.12
HK2 AFC A 1 1.41 -8.98 -2.06
HL1 AFC A 1 0.49 -10.70 -3.74
HL2 AFC A 1 -1.12 -9.95 -3.53
HM AFC A 1 -0.65 -10.33 -0.93
HN21 AFC A 1 1.75 -11.22 -1.43
HN22 AFC A 1 0.95 -12.71 -2.06
HN23 AFC A 1 0.74 -12.23 -0.34
HN11 AFC A 1 -2.50 -11.23 -2.32
HN12 AFC A 1 -1.44 -12.55 -2.93
HO11 AFC A 1 -3.16 -12.88 -0.85
HO12 AFC A 1 -1.75 -12.29 0.09
HO13 AFC A 1 -1.60 -13.77 -0.93
N ASN A 2 1.79 -1.91 0.86
CA ASN A 2 2.64 -1.10 1.66
C ASN A 2 2.12 0.20 1.11
N DTY A 3 2.72 1.34 1.52
CA DTY A 3 2.29 2.67 1.15
C DTY A 3 0.83 2.92 1.49
O DTY A 3 0.13 3.62 0.77
CB DTY A 3 3.10 3.79 1.84
CG DTY A 3 4.56 3.73 1.47
CD1 DTY A 3 5.56 3.58 2.44
CD2 DTY A 3 4.95 3.85 0.11
CE1 DTY A 3 6.91 3.55 2.08
CE2 DTY A 3 6.30 3.83 -0.24
CZ DTY A 3 7.29 3.67 0.74
OH DTY A 3 8.65 3.64 0.40
H DTY A 3 3.56 1.26 2.02
HA DTY A 3 2.39 2.76 0.07
HB2 DTY A 3 2.73 4.79 1.53
HB3 DTY A 3 3.01 3.71 2.95
HD1 DTY A 3 4.20 3.99 -0.65
HD2 DTY A 3 5.28 3.49 3.49
HE1 DTY A 3 6.56 3.92 -1.29
HE2 DTY A 3 7.66 3.43 2.85
HH DTY A 3 8.74 3.74 -0.56
N DSG A 4 0.37 2.27 2.57
CA DSG A 4 -1.01 2.10 2.86
C DSG A 4 -0.97 0.61 2.90
O DSG A 4 -0.11 0.03 3.55
CB DSG A 4 -1.45 2.62 4.25
CG DSG A 4 -2.93 2.28 4.52
OD1 DSG A 4 -3.25 1.14 4.85
ND2 DSG A 4 -3.84 3.29 4.35
H DSG A 4 0.90 1.57 3.05
HA DSG A 4 -1.63 2.47 2.06
HB2 DSG A 4 -0.83 2.17 5.05
HB3 DSG A 4 -1.30 3.73 4.29
HD21 DSG A 4 -3.55 4.18 4.01
HD22 DSG A 4 -4.80 3.09 4.53
N SER A 5 -1.88 0.00 2.13
CA SER A 5 -2.23 -1.39 2.15
C SER A 5 -2.73 -1.57 0.75
N GLU A 6 -3.78 -0.78 0.41
CA GLU A 6 -4.00 -0.34 -0.94
C GLU A 6 -3.11 0.86 -0.95
N DSN A 7 -2.31 1.03 -2.00
CA DSN A 7 -1.02 1.62 -1.84
C DSN A 7 -0.28 0.70 -2.73
O DSN A 7 -0.88 0.01 -3.55
CB DSN A 7 -0.86 3.08 -2.31
OG DSN A 7 -1.46 3.98 -1.36
H DSN A 7 -2.32 0.46 -2.84
HA DSN A 7 -0.66 1.48 -0.82
HB2 DSN A 7 0.22 3.35 -2.39
HB3 DSN A 7 -1.34 3.22 -3.30
HG DSN A 7 -0.92 3.90 -0.55
N THR A 8 1.05 0.64 -2.54
CA THR A 8 2.01 -0.06 -3.31
C THR A 8 2.24 -1.45 -2.78
N AFC A 1 1.25 -2.03 -2.52
CA AFC A 1 1.27 -3.44 -2.21
CB AFC A 1 0.47 -4.25 -3.26
C AFC A 1 1.43 -3.38 0.29
O AFC A 1 2.18 -4.16 0.90
CD AFC A 1 0.91 -4.03 -4.73
CE AFC A 1 2.32 -4.53 -5.05
CF AFC A 1 2.81 -4.11 -6.45
CI AFC A 1 3.43 -2.70 -6.46
CJ AFC A 1 3.42 -2.05 -7.85
CK AFC A 1 2.09 -1.36 -8.18
CL AFC A 1 2.09 0.15 -7.89
CM AFC A 1 0.71 0.82 -8.07
CN2 AFC A 1 0.32 1.04 -9.55
CN1 AFC A 1 0.73 2.13 -7.27
CO1 AFC A 1 -0.61 2.87 -7.26
CG AFC A 1 0.61 -3.84 -0.87
H AFC A 1 0.34 -1.58 -2.43
HA AFC A 1 2.31 -3.76 -2.17
HG1 AFC A 1 -0.42 -3.42 -0.80
HG2 AFC A 1 0.53 -4.96 -0.81
HB2 AFC A 1 0.57 -5.33 -3.03
HB3 AFC A 1 -0.12 -4.68 -2.46
HD1 AFC A 1 0.84 -2.94 -4.97
HD2 AFC A 1 0.18 -4.55 -5.39
HE1 AFC A 1 2.32 -5.65 -5.00
HE2 AFC A 1 3.04 -4.16 -4.30
HF1 AFC A 1 1.96 -4.15 -7.16
HF2 AFC A 1 3.57 -4.84 -6.80
HI1 AFC A 1 4.49 -2.77 -6.11
HI2 AFC A 1 2.89 -2.05 -5.75
HJ1 AFC A 1 3.62 -2.82 -8.63
HJ2 AFC A 1 4.24 -1.30 -7.91
HK1 AFC A 1 1.27 -1.83 -7.60
HK2 AFC A 1 1.86 -1.51 -9.26
HL1 AFC A 1 2.82 0.65 -8.56
HL2 AFC A 1 2.44 0.30 -6.84
HM AFC A 1 -0.06 0.16 -7.60
HN21 AFC A 1 0.85 1.92 -9.95
HN22 AFC A 1 -0.77 1.20 -9.64
HN23 AFC A 1 0.60 0.15 -10.16
HN11 AFC A 1 1.02 1.92 -6.21
HN12 AFC A 1 1.52 2.81 -7.70
HO11 AFC A 1 -0.77 3.36 -6.27
HO12 AFC A 1 -1.45 2.16 -7.43
HO13 AFC A 1 -0.64 3.65 -8.05
N ASN A 2 1.36 -2.07 0.57
CA ASN A 2 2.12 -1.36 1.55
C ASN A 2 1.73 0.00 1.08
N DTY A 3 2.39 1.05 1.60
CA DTY A 3 2.19 2.43 1.18
C DTY A 3 0.79 2.88 1.47
O DTY A 3 0.15 3.56 0.67
CB DTY A 3 3.15 3.41 1.91
CG DTY A 3 4.57 2.92 1.74
CD1 DTY A 3 5.18 2.96 0.47
CD2 DTY A 3 5.29 2.40 2.82
CE1 DTY A 3 6.47 2.44 0.28
CE2 DTY A 3 6.58 1.88 2.64
CZ DTY A 3 7.17 1.89 1.36
OH DTY A 3 8.46 1.35 1.20
H DTY A 3 3.17 0.87 2.16
HA DTY A 3 2.35 2.48 0.11
HB2 DTY A 3 3.07 4.42 1.47
HB3 DTY A 3 2.93 3.46 2.99
HD1 DTY A 3 4.85 2.36 3.81
HD2 DTY A 3 4.65 3.35 -0.37
HE1 DTY A 3 7.12 1.46 3.48
HE2 DTY A 3 6.89 2.45 -0.71
HH DTY A 3 8.73 1.49 0.28
N DSG A 4 0.28 2.48 2.64
CA DSG A 4 -1.12 2.64 2.96
C DSG A 4 -1.45 1.25 3.40
O DSG A 4 -1.32 0.94 4.58
CB DSG A 4 -1.44 3.63 4.11
CG DSG A 4 -1.37 5.12 3.71
OD1 DSG A 4 -1.82 5.98 4.50
ND2 DSG A 4 -0.83 5.44 2.51
H DSG A 4 0.80 1.93 3.29
HA DSG A 4 -1.71 2.87 2.08
HB2 DSG A 4 -2.47 3.45 4.49
HB3 DSG A 4 -0.75 3.46 4.97
HD21 DSG A 4 -0.46 4.74 1.89
HD22 DSG A 4 -0.81 6.40 2.24
N SER A 5 -1.84 0.39 2.46
CA SER A 5 -2.18 -0.99 2.70
C SER A 5 -2.48 -1.49 1.33
N GLU A 6 -3.28 -0.72 0.57
CA GLU A 6 -3.47 -0.91 -0.85
C GLU A 6 -2.22 -0.38 -1.50
N DSN A 7 -2.17 0.96 -1.68
CA DSN A 7 -0.96 1.71 -1.90
C DSN A 7 -0.07 1.18 -2.97
O DSN A 7 -0.36 1.24 -4.16
CB DSN A 7 -1.26 3.20 -2.17
OG DSN A 7 -1.92 3.74 -1.02
H DSN A 7 -2.97 1.54 -1.54
HA DSN A 7 -0.41 1.67 -0.97
HB2 DSN A 7 -0.31 3.77 -2.34
HB3 DSN A 7 -1.91 3.31 -3.06
HG DSN A 7 -1.20 3.81 -0.36
N THR A 8 1.07 0.62 -2.53
CA THR A 8 2.12 0.10 -3.35
C THR A 8 2.33 -1.34 -2.94
N AFC A 1 1.38 -2.02 -2.59
CA AFC A 1 1.42 -3.41 -2.20
CB AFC A 1 0.75 -4.30 -3.29
C AFC A 1 1.38 -3.27 0.30
O AFC A 1 2.02 -4.07 0.99
CD AFC A 1 1.33 -4.13 -4.70
CE AFC A 1 2.79 -4.59 -4.85
CF AFC A 1 3.45 -4.10 -6.15
CI AFC A 1 4.99 -4.22 -6.12
CJ AFC A 1 5.69 -3.00 -5.50
CK AFC A 1 6.54 -3.35 -4.27
CL AFC A 1 7.02 -2.11 -3.50
CM AFC A 1 8.14 -2.39 -2.46
CN2 AFC A 1 7.99 -3.72 -1.70
CN1 AFC A 1 8.19 -1.19 -1.49
CO1 AFC A 1 8.60 0.13 -2.16
CG AFC A 1 0.64 -3.75 -0.90
H AFC A 1 0.48 -1.60 -2.73
HA AFC A 1 2.45 -3.70 -2.05
HG1 AFC A 1 0.52 -4.86 -0.82
HG2 AFC A 1 -0.38 -3.31 -0.94
HB2 AFC A 1 0.87 -5.37 -2.98
HB3 AFC A 1 0.10 -4.71 -2.52
HD1 AFC A 1 1.25 -3.07 -5.01
HD2 AFC A 1 0.71 -4.72 -5.40
HE1 AFC A 1 2.83 -5.69 -4.82
HE2 AFC A 1 3.39 -4.21 -3.98
HF1 AFC A 1 3.17 -3.04 -6.33
HF2 AFC A 1 3.06 -4.71 -6.99
HI1 AFC A 1 5.35 -4.33 -7.18
HI2 AFC A 1 5.28 -5.14 -5.57
HJ1 AFC A 1 4.93 -2.25 -5.19
HJ2 AFC A 1 6.34 -2.52 -6.26
HK1 AFC A 1 7.43 -3.93 -4.59
HK2 AFC A 1 5.93 -3.99 -3.59
HL1 AFC A 1 6.14 -1.66 -2.97
HL2 AFC A 1 7.39 -1.36 -4.23
HM AFC A 1 9.10 -2.42 -3.02
HN21 AFC A 1 6.94 -3.89 -1.39
HN22 AFC A 1 8.63 -3.72 -0.80
HN23 AFC A 1 8.31 -4.57 -2.35
HN11 AFC A 1 7.19 -1.04 -1.02
HN12 AFC A 1 8.91 -1.41 -0.69
HO11 AFC A 1 7.72 0.68 -2.54
HO12 AFC A 1 9.29 -0.05 -3.01
HO13 AFC A 1 9.13 0.79 -1.43
N ASN A 2 1.37 -1.96 0.54
CA ASN A 2 2.09 -1.29 1.59
C ASN A 2 1.76 0.10 1.15
N DTY A 3 2.43 1.09 1.74
CA DTY A 3 2.38 2.50 1.39
C DTY A 3 1.01 3.04 1.62
O DTY A 3 0.49 3.83 0.83
CB DTY A 3 3.39 3.36 2.19
CG DTY A 3 4.74 2.71 2.08
CD1 DTY A 3 5.42 2.72 0.85
CD2 DTY A 3 5.29 2.00 3.16
CE1 DTY A 3 6.60 2.00 0.69
CE2 DTY A 3 6.47 1.27 3.00
CZ DTY A 3 7.12 1.25 1.76
OH DTY A 3 8.28 0.48 1.56
H DTY A 3 3.15 0.86 2.39
HA DTY A 3 2.59 2.58 0.32
HB2 DTY A 3 3.44 4.39 1.78
HB3 DTY A 3 3.10 3.42 3.26
HD1 DTY A 3 4.77 1.98 4.11
HD2 DTY A 3 5.00 3.24 0.00
HE1 DTY A 3 6.85 0.71 3.84
HE2 DTY A 3 7.09 1.98 -0.28
HH DTY A 3 8.45 -0.02 2.37
N DSG A 4 0.36 2.54 2.68
CA DSG A 4 -1.06 2.49 2.73
C DSG A 4 -1.08 1.03 3.05
O DSG A 4 -0.31 0.59 3.90
CB DSG A 4 -1.75 3.28 3.86
CG DSG A 4 -3.26 3.02 3.80
OD1 DSG A 4 -3.78 2.11 4.47
ND2 DSG A 4 -3.99 3.80 2.94
H DSG A 4 0.73 1.83 3.28
HA DSG A 4 -1.50 2.68 1.75
HB2 DSG A 4 -1.38 2.97 4.85
HB3 DSG A 4 -1.55 4.37 3.74
HD21 DSG A 4 -3.53 4.51 2.40
HD22 DSG A 4 -4.97 3.64 2.84
N SER A 5 -1.90 0.29 2.32
CA SER A 5 -2.23 -1.07 2.62
C SER A 5 -2.57 -1.55 1.24
N GLU A 6 -3.63 -0.94 0.68
CA GLU A 6 -3.74 -0.76 -0.74
C GLU A 6 -2.95 0.49 -0.95
N DSN A 7 -2.12 0.55 -1.99
CA DSN A 7 -1.04 1.48 -2.05
C DSN A 7 -0.12 0.65 -2.86
O DSN A 7 -0.60 -0.20 -3.60
CB DSN A 7 -1.41 2.80 -2.74
OG DSN A 7 -2.41 3.46 -1.98
H DSN A 7 -2.00 -0.15 -2.72
HA DSN A 7 -0.62 1.64 -1.06
HB2 DSN A 7 -0.51 3.46 -2.82
HB3 DSN A 7 -1.80 2.61 -3.77
HG DSN A 7 -2.72 2.80 -1.32
N THR A 8 1.20 0.80 -2.66
CA THR A 8 2.27 0.13 -3.35
C THR A 8 2.47 -1.30 -2.90
N AFC A 1 1.09 -1.81 -2.14
CA AFC A 1 0.94 -3.03 -1.37
CB AFC A 1 0.07 -4.05 -2.15
C AFC A 1 1.11 -2.21 1.07
O AFC A 1 0.80 -2.26 2.26
CD AFC A 1 -1.18 -3.43 -2.82
CE AFC A 1 -2.28 -4.46 -3.11
CF AFC A 1 -3.43 -4.42 -2.10
CI AFC A 1 -4.81 -4.74 -2.73
CJ AFC A 1 -5.45 -3.54 -3.43
CK AFC A 1 -6.79 -3.11 -2.80
CL AFC A 1 -6.64 -2.35 -1.48
CM AFC A 1 -7.98 -1.83 -0.90
CN2 AFC A 1 -7.78 -0.67 0.09
CN1 AFC A 1 -8.75 -3.02 -0.28
CO1 AFC A 1 -10.23 -3.05 -0.66
CG AFC A 1 0.23 -2.83 0.01
H AFC A 1 0.32 -1.17 -2.13
HA AFC A 1 1.90 -3.48 -1.21
HG1 AFC A 1 -0.67 -2.20 -0.12
HG2 AFC A 1 -0.10 -3.82 0.40
HB2 AFC A 1 0.70 -4.47 -2.96
HB3 AFC A 1 0.79 -4.83 -1.90
HD1 AFC A 1 -0.86 -2.97 -3.78
HD2 AFC A 1 -1.59 -2.63 -2.18
HE1 AFC A 1 -1.84 -5.49 -3.13
HE2 AFC A 1 -2.68 -4.27 -4.13
HF1 AFC A 1 -3.49 -3.41 -1.65
HF2 AFC A 1 -3.23 -5.13 -1.29
HI1 AFC A 1 -5.47 -5.11 -1.92
HI2 AFC A 1 -4.68 -5.58 -3.46
HJ1 AFC A 1 -5.63 -3.80 -4.49
HJ2 AFC A 1 -4.75 -2.67 -3.42
HK1 AFC A 1 -7.42 -4.01 -2.66
HK2 AFC A 1 -7.33 -2.44 -3.52
HL1 AFC A 1 -5.96 -1.49 -1.63
HL2 AFC A 1 -6.16 -3.03 -0.72
HM AFC A 1 -8.58 -1.44 -1.77
HN21 AFC A 1 -7.62 0.28 -0.46
HN22 AFC A 1 -6.90 -0.86 0.73
HN23 AFC A 1 -8.68 -0.55 0.74
HN11 AFC A 1 -8.29 -3.98 -0.58
HN12 AFC A 1 -8.67 -2.95 0.83
HO11 AFC A 1 -10.35 -3.03 -1.77
HO12 AFC A 1 -10.76 -2.16 -0.24
HO13 AFC A 1 -10.72 -3.97 -0.27
N ASN A 2 2.26 -1.62 0.68
CA ASN A 2 3.19 -1.02 1.59
C ASN A 2 2.67 0.33 2.02
N DTY A 3 2.04 1.05 1.06
CA DTY A 3 1.50 2.40 1.16
C DTY A 3 0.24 2.42 1.96
O DTY A 3 -0.77 2.98 1.53
CB DTY A 3 2.48 3.48 1.68
CG DTY A 3 3.71 3.55 0.80
CD1 DTY A 3 5.00 3.34 1.33
CD2 DTY A 3 3.59 3.84 -0.57
CE1 DTY A 3 6.13 3.39 0.51
CE2 DTY A 3 4.71 3.88 -1.40
CZ DTY A 3 5.99 3.66 -0.86
OH DTY A 3 7.13 3.68 -1.70
H DTY A 3 2.01 0.66 0.14
HA DTY A 3 1.21 2.65 0.15
HB2 DTY A 3 2.00 4.48 1.65
HB3 DTY A 3 2.79 3.25 2.72
HD1 DTY A 3 2.61 4.01 -1.01
HD2 DTY A 3 5.12 3.12 2.39
HE1 DTY A 3 4.58 4.08 -2.45
HE2 DTY A 3 7.11 3.23 0.94
HH DTY A 3 6.84 3.93 -2.58
N DSG A 4 0.26 1.79 3.15
CA DSG A 4 -0.87 1.67 4.04
C DSG A 4 -1.89 0.79 3.40
O DSG A 4 -3.07 1.16 3.32
CB DSG A 4 -0.47 1.08 5.43
CG DSG A 4 -1.69 0.95 6.36
OD1 DSG A 4 -2.35 -0.10 6.37
ND2 DSG A 4 -2.00 2.03 7.14
H DSG A 4 1.13 1.36 3.43
HA DSG A 4 -1.30 2.66 4.16
HB2 DSG A 4 -0.03 0.07 5.29
HB3 DSG A 4 0.30 1.73 5.90
HD21 DSG A 4 -1.45 2.85 7.11
HD22 DSG A 4 -2.80 1.97 7.74
N SER A 5 -1.47 -0.40 2.93
CA SER A 5 -2.33 -1.50 2.56
C SER A 5 -2.92 -1.34 1.19
N GLU A 6 -2.96 -0.11 0.66
CA GLU A 6 -3.34 0.17 -0.70
C GLU A 6 -2.08 0.50 -1.43
N DSN A 7 -2.20 1.11 -2.62
CA DSN A 7 -1.10 1.58 -3.43
C DSN A 7 -0.26 0.43 -3.90
O DSN A 7 -0.75 -0.49 -4.54
CB DSN A 7 -1.62 2.35 -4.66
OG DSN A 7 -2.67 3.23 -4.25
H DSN A 7 -3.08 1.41 -2.99
HA DSN A 7 -0.51 2.24 -2.80
HB2 DSN A 7 -0.79 2.92 -5.12
HB3 DSN A 7 -2.04 1.63 -5.41
HG DSN A 7 -2.93 3.72 -5.04
N THR A 8 1.04 0.48 -3.57
CA THR A 8 2.04 -0.47 -3.96
C THR A 8 2.14 -1.62 -2.97
N AFC A 1 0.98 -2.12 -2.46
CA AFC A 1 0.77 -3.15 -1.47
CB AFC A 1 -0.21 -4.20 -2.03
C AFC A 1 1.03 -2.05 0.87
O AFC A 1 0.67 -2.00 2.05
CD AFC A 1 0.30 -4.92 -3.30
CE AFC A 1 -0.75 -5.02 -4.42
CF AFC A 1 -0.80 -3.77 -5.31
CI AFC A 1 -1.88 -3.83 -6.41
CJ AFC A 1 -2.33 -2.44 -6.90
CK AFC A 1 -1.22 -1.66 -7.62
CL AFC A 1 -1.70 -0.31 -8.16
CM AFC A 1 -1.26 0.02 -9.62
CN2 AFC A 1 -1.89 -0.93 -10.67
CN1 AFC A 1 0.29 0.03 -9.67
CO1 AFC A 1 0.84 0.99 -10.74
CG AFC A 1 0.11 -2.64 -0.17
H AFC A 1 0.18 -1.82 -2.99
HA AFC A 1 1.71 -3.65 -1.26
HG1 AFC A 1 -0.41 -3.49 0.33
HG2 AFC A 1 -0.67 -1.89 -0.42
HB2 AFC A 1 -0.39 -4.99 -1.25
HB3 AFC A 1 -0.89 -3.98 -1.20
HD1 AFC A 1 0.60 -5.96 -3.01
HD2 AFC A 1 1.20 -4.42 -3.69
HE1 AFC A 1 -1.75 -5.21 -3.98
HE2 AFC A 1 -0.50 -5.90 -5.07
HF1 AFC A 1 0.19 -3.63 -5.79
HF2 AFC A 1 -1.00 -2.89 -4.66
HI1 AFC A 1 -2.77 -4.36 -6.01
HI2 AFC A 1 -1.49 -4.43 -7.26
HJ1 AFC A 1 -2.67 -1.85 -6.03
HJ2 AFC A 1 -3.18 -2.57 -7.60
HK1 AFC A 1 -0.82 -2.29 -8.45
HK2 AFC A 1 -0.40 -1.46 -6.90
HL1 AFC A 1 -1.34 0.50 -7.49
HL2 AFC A 1 -2.82 -0.28 -8.13
HM AFC A 1 -1.61 1.05 -9.84
HN21 AFC A 1 -1.72 -0.53 -11.69
HN22 AFC A 1 -2.98 -1.02 -10.50
HN23 AFC A 1 -1.43 -1.93 -10.61
HN11 AFC A 1 0.70 0.33 -8.68
HN12 AFC A 1 0.65 -1.00 -9.90
HO11 AFC A 1 0.15 1.07 -11.60
HO12 AFC A 1 1.83 0.63 -11.11
HO13 AFC A 1 0.97 2.00 -10.30
N ASN A 2 2.25 -1.56 0.53
CA ASN A 2 3.12 -0.98 1.53
C ASN A 2 2.63 0.37 1.94
N DTY A 3 1.99 1.09 0.98
CA DTY A 3 1.41 2.41 1.06
C DTY A 3 0.14 2.39 1.86
O DTY A 3 -0.88 2.90 1.44
CB DTY A 3 2.34 3.53 1.61
CG DTY A 3 3.58 3.65 0.75
CD1 DTY A 3 3.46 3.92 -0.63
CD2 DTY A 3 4.86 3.48 1.29
CE1 DTY A 3 4.59 3.99 -1.44
CE2 DTY A 3 6.00 3.56 0.48
CZ DTY A 3 5.86 3.81 -0.89
OH DTY A 3 7.01 3.85 -1.71
H DTY A 3 1.92 0.67 0.07
HA DTY A 3 1.11 2.66 0.06
HB2 DTY A 3 1.83 4.50 1.58
HB3 DTY A 3 2.64 3.30 2.65
HD1 DTY A 3 4.98 3.26 2.35
HD2 DTY A 3 2.49 4.07 -1.07
HE1 DTY A 3 6.98 3.42 0.91
HE2 DTY A 3 4.46 4.18 -2.50
HH DTY A 3 6.72 4.05 -2.61
N DSG A 4 0.21 1.78 3.05
CA DSG A 4 -0.84 1.71 4.02
C DSG A 4 -1.92 0.81 3.50
O DSG A 4 -3.10 1.13 3.60
CB DSG A 4 -0.41 1.13 5.39
CG DSG A 4 0.61 2.05 6.08
OD1 DSG A 4 0.22 3.00 6.78
ND2 DSG A 4 1.94 1.78 5.90
H DSG A 4 1.10 1.37 3.30
HA DSG A 4 -1.27 2.71 4.14
HB2 DSG A 4 -1.30 1.06 6.06
HB3 DSG A 4 0.01 0.11 5.28
HD21 DSG A 4 2.23 1.06 5.25
HD22 DSG A 4 2.62 2.34 6.35
N SER A 5 -1.50 -0.36 2.94
CA SER A 5 -2.36 -1.48 2.65
C SER A 5 -3.04 -1.35 1.32
N GLU A 6 -2.80 -0.22 0.63
CA GLU A 6 -3.25 -0.01 -0.72
C GLU A 6 -2.02 0.59 -1.32
N DSN A 7 -2.11 1.09 -2.57
CA DSN A 7 -0.98 1.63 -3.27
C DSN A 7 -0.13 0.46 -3.71
O DSN A 7 -0.65 -0.54 -4.21
CB DSN A 7 -1.40 2.44 -4.50
OG DSN A 7 -2.49 3.30 -4.16
H DSN A 7 -2.97 1.13 -3.07
HA DSN A 7 -0.42 2.24 -2.57
HB2 DSN A 7 -0.55 3.05 -4.88
HB3 DSN A 7 -1.74 1.77 -5.32
HG DSN A 7 -2.14 3.98 -3.57
N THR A 8 1.19 0.54 -3.50
CA THR A 8 2.16 -0.48 -3.81
C THR A 8 2.16 -1.52 -2.71
N AFC A 1 1.12 -1.93 -2.57
CA AFC A 1 0.85 -3.27 -2.10
CB AFC A 1 -0.11 -3.99 -3.08
C AFC A 1 1.13 -3.00 0.38
O AFC A 1 1.77 -3.89 0.93
CD AFC A 1 -0.03 -5.52 -3.03
CE AFC A 1 -0.89 -6.23 -4.09
CF AFC A 1 -2.35 -6.44 -3.66
CI AFC A 1 -3.38 -5.99 -4.70
CJ AFC A 1 -3.62 -7.03 -5.83
CK AFC A 1 -3.87 -6.39 -7.21
CL AFC A 1 -5.26 -5.76 -7.35
CM AFC A 1 -5.26 -4.39 -8.08
CN2 AFC A 1 -6.51 -3.55 -7.75
CN1 AFC A 1 -5.07 -4.63 -9.60
CO1 AFC A 1 -6.37 -5.01 -10.34
CG AFC A 1 0.16 -3.31 -0.70
H AFC A 1 0.39 -1.26 -2.47
HA AFC A 1 1.77 -3.83 -2.05
HG1 AFC A 1 -0.25 -4.34 -0.51
HG2 AFC A 1 -0.71 -2.61 -0.68
HB2 AFC A 1 -1.16 -3.65 -2.90
HB3 AFC A 1 -0.44 -3.02 -3.44
HD1 AFC A 1 -0.34 -5.88 -2.02
HD2 AFC A 1 1.03 -5.83 -3.17
HE1 AFC A 1 -0.44 -7.22 -4.32
HE2 AFC A 1 -0.86 -5.63 -5.03
HF1 AFC A 1 -2.54 -5.88 -2.71
HF2 AFC A 1 -2.51 -7.52 -3.44
HI1 AFC A 1 -3.05 -5.03 -5.16
HI2 AFC A 1 -4.35 -5.80 -4.20
HJ1 AFC A 1 -4.48 -7.66 -5.56
HJ2 AFC A 1 -2.73 -7.70 -5.90
HK1 AFC A 1 -3.75 -7.17 -7.98
HK2 AFC A 1 -3.08 -5.62 -7.39
HL1 AFC A 1 -5.71 -5.62 -6.35
HL2 AFC A 1 -5.91 -6.47 -7.91
HM AFC A 1 -4.37 -3.82 -7.71
HN21 AFC A 1 -7.42 -4.18 -7.74
HN22 AFC A 1 -6.64 -2.74 -8.49
HN23 AFC A 1 -6.40 -3.09 -6.74
HN11 AFC A 1 -4.67 -3.70 -10.06
HN12 AFC A 1 -4.32 -5.42 -9.77
HO11 AFC A 1 -6.97 -4.11 -10.56
HO12 AFC A 1 -6.98 -5.71 -9.73
HO13 AFC A 1 -6.12 -5.51 -11.31
N ASN A 2 1.32 -1.70 0.71
CA ASN A 2 2.28 -1.33 1.72
C ASN A 2 1.91 0.04 2.16
N DTY A 3 1.81 0.97 1.19
CA DTY A 3 1.52 2.39 1.29
C DTY A 3 0.15 2.64 1.85
O DTY A 3 -0.75 3.08 1.14
CB DTY A 3 2.59 3.21 2.07
CG DTY A 3 3.94 2.91 1.50
CD1 DTY A 3 4.93 2.26 2.27
CD2 DTY A 3 4.24 3.22 0.16
CE1 DTY A 3 6.16 1.90 1.71
CE2 DTY A 3 5.46 2.85 -0.41
CZ DTY A 3 6.43 2.18 0.37
OH DTY A 3 7.65 1.77 -0.20
H DTY A 3 2.10 0.70 0.28
HA DTY A 3 1.50 2.74 0.27
HB2 DTY A 3 2.39 4.30 1.97
HB3 DTY A 3 2.59 2.93 3.15
HD1 DTY A 3 3.51 3.72 -0.46
HD2 DTY A 3 4.72 2.01 3.30
HE1 DTY A 3 5.65 3.07 -1.45
HE2 DTY A 3 6.90 1.38 2.32
HH DTY A 3 7.65 2.01 -1.13
N DSG A 4 -0.03 2.31 3.13
CA DSG A 4 -1.29 2.36 3.84
C DSG A 4 -2.03 1.09 3.53
O DSG A 4 -3.26 1.06 3.53
CB DSG A 4 -1.18 2.54 5.39
CG DSG A 4 -0.45 1.39 6.11
OD1 DSG A 4 -1.00 0.30 6.26
ND2 DSG A 4 0.82 1.64 6.55
H DSG A 4 0.73 1.81 3.56
HA DSG A 4 -1.87 3.19 3.44
HB2 DSG A 4 -0.68 3.51 5.60
HB3 DSG A 4 -2.21 2.60 5.81
HD21 DSG A 4 1.24 2.54 6.39
HD22 DSG A 4 1.31 0.92 7.02
N SER A 5 -1.26 0.03 3.23
CA SER A 5 -1.72 -1.30 2.91
C SER A 5 -2.51 -1.34 1.62
N GLU A 6 -2.27 -0.34 0.75
CA GLU A 6 -2.84 -0.25 -0.55
C GLU A 6 -1.70 0.30 -1.34
N DSN A 7 -1.97 0.97 -2.48
CA DSN A 7 -1.00 1.62 -3.32
C DSN A 7 -0.07 0.60 -3.91
O DSN A 7 -0.48 -0.25 -4.70
CB DSN A 7 -1.69 2.35 -4.49
OG DSN A 7 -2.81 3.10 -4.00
H DSN A 7 -2.91 1.17 -2.77
HA DSN A 7 -0.45 2.31 -2.71
HB2 DSN A 7 -0.97 3.04 -4.99
HB3 DSN A 7 -2.07 1.63 -5.24
HG DSN A 7 -3.15 3.60 -4.75
N THR A 8 1.21 0.61 -3.49
CA THR A 8 2.24 -0.26 -3.97
C THR A 8 2.24 -1.59 -3.25
N AFC A 1 1.10 -2.02 -2.43
CA AFC A 1 0.97 -3.12 -1.52
CB AFC A 1 0.02 -4.19 -2.14
C AFC A 1 1.28 -2.22 0.91
O AFC A 1 0.96 -2.31 2.10
CD AFC A 1 -1.43 -3.71 -2.35
CE AFC A 1 -2.19 -4.51 -3.42
CF AFC A 1 -2.59 -5.94 -3.00
CI AFC A 1 -3.62 -5.99 -1.86
CJ AFC A 1 -3.07 -6.57 -0.54
CK AFC A 1 -3.72 -5.94 0.70
CL AFC A 1 -3.48 -6.73 2.00
CM AFC A 1 -2.18 -6.35 2.75
CN2 AFC A 1 -1.67 -7.50 3.65
CN1 AFC A 1 -2.44 -5.04 3.54
CO1 AFC A 1 -1.28 -4.64 4.45
CG AFC A 1 0.35 -2.75 -0.14
H AFC A 1 0.27 -1.72 -2.91
HA AFC A 1 1.94 -3.60 -1.38
HG1 AFC A 1 -0.47 -2.01 -0.29
HG2 AFC A 1 -0.13 -3.66 0.30
HB2 AFC A 1 0.45 -4.49 -3.13
HB3 AFC A 1 0.86 -4.89 -2.17
HD1 AFC A 1 -1.44 -2.63 -2.64
HD2 AFC A 1 -1.97 -3.78 -1.38
HE1 AFC A 1 -1.56 -4.57 -4.34
HE2 AFC A 1 -3.12 -3.95 -3.68
HF1 AFC A 1 -1.67 -6.50 -2.70
HF2 AFC A 1 -3.03 -6.44 -3.89
HI1 AFC A 1 -4.49 -6.62 -2.19
HI2 AFC A 1 -4.02 -4.97 -1.67
HJ1 AFC A 1 -1.98 -6.42 -0.49
HJ2 AFC A 1 -3.27 -7.67 -0.53
HK1 AFC A 1 -4.81 -5.84 0.54
HK2 AFC A 1 -3.30 -4.91 0.82
HL1 AFC A 1 -3.45 -7.81 1.75
HL2 AFC A 1 -4.35 -6.57 2.67
HM AFC A 1 -1.40 -6.14 1.99
HN21 AFC A 1 -1.78 -8.48 3.13
HN22 AFC A 1 -2.25 -7.53 4.59
HN23 AFC A 1 -0.59 -7.35 3.89
HN11 AFC A 1 -2.62 -4.22 2.81
HN12 AFC A 1 -3.36 -5.16 4.15
HO11 AFC A 1 -0.31 -4.81 3.94
HO12 AFC A 1 -1.29 -5.23 5.39
HO13 AFC A 1 -1.35 -3.57 4.71
N ASN A 2 2.45 -1.63 0.55
CA ASN A 2 3.35 -1.07 1.55
C ASN A 2 2.85 0.27 1.99
N DTY A 3 2.25 1.01 1.03
CA DTY A 3 1.75 2.37 1.11
C DTY A 3 0.43 2.38 1.81
O DTY A 3 -0.56 2.81 1.23
CB DTY A 3 2.70 3.42 1.76
CG DTY A 3 3.98 3.52 0.97
CD1 DTY A 3 5.21 3.18 1.56
CD2 DTY A 3 3.96 3.93 -0.37
CE1 DTY A 3 6.39 3.21 0.80
CE2 DTY A 3 5.14 3.96 -1.12
CZ DTY A 3 6.35 3.60 -0.54
OH DTY A 3 7.54 3.59 -1.31
H DTY A 3 2.16 0.60 0.12
HA DTY A 3 1.56 2.66 0.09
HB2 DTY A 3 2.22 4.42 1.74
HB3 DTY A 3 2.93 3.16 2.81
HD1 DTY A 3 3.02 4.20 -0.84
HD2 DTY A 3 5.25 2.85 2.59
HE1 DTY A 3 5.08 4.25 -2.17
HE2 DTY A 3 7.33 2.92 1.26
HH DTY A 3 7.33 3.91 -2.19
N DSG A 4 0.37 1.93 3.08
CA DSG A 4 -0.87 1.87 3.80
C DSG A 4 -1.31 0.44 3.81
O DSG A 4 -1.25 -0.24 4.83
CB DSG A 4 -0.84 2.42 5.25
CG DSG A 4 -2.28 2.50 5.82
OD1 DSG A 4 -3.27 2.27 5.10
ND2 DSG A 4 -2.39 2.84 7.13
H DSG A 4 1.19 1.50 3.48
HA DSG A 4 -1.61 2.44 3.26
HB2 DSG A 4 -0.21 1.78 5.90
HB3 DSG A 4 -0.41 3.45 5.24
HD21 DSG A 4 -1.58 2.99 7.69
HD22 DSG A 4 -3.30 2.90 7.54
N SER A 5 -1.85 0.00 2.66
CA SER A 5 -2.84 -1.03 2.69
C SER A 5 -3.06 -1.33 1.25
N GLU A 6 -3.54 -0.31 0.51
CA GLU A 6 -3.60 -0.33 -0.93
C GLU A 6 -2.35 0.38 -1.39
N DSN A 7 -2.35 0.93 -2.63
CA DSN A 7 -1.19 1.55 -3.20
C DSN A 7 -0.23 0.47 -3.60
O DSN A 7 -0.62 -0.56 -4.14
CB DSN A 7 -1.52 2.35 -4.49
OG DSN A 7 -2.61 3.23 -4.25
H DSN A 7 -3.17 0.98 -3.19
HA DSN A 7 -0.74 2.19 -2.46
HB2 DSN A 7 -0.63 2.92 -4.81
HB3 DSN A 7 -1.81 1.65 -5.30
HG DSN A 7 -2.74 3.73 -5.06
N THR A 8 1.08 0.66 -3.31
CA THR A 8 2.15 -0.23 -3.68
C THR A 8 2.25 -1.37 -2.69
N AFC A 1 1.10 -2.08 -2.39
CA AFC A 1 0.97 -3.16 -1.45
CB AFC A 1 0.01 -4.22 -2.03
C AFC A 1 1.27 -2.14 0.95
O AFC A 1 0.92 -2.12 2.13
CD AFC A 1 -1.42 -3.72 -2.26
CE AFC A 1 -2.04 -4.22 -3.58
CF AFC A 1 -3.36 -3.50 -3.92
CI AFC A 1 -4.32 -4.36 -4.76
CJ AFC A 1 -5.74 -3.80 -4.81
CK AFC A 1 -5.86 -2.50 -5.63
CL AFC A 1 -6.07 -1.24 -4.75
CM AFC A 1 -5.87 0.08 -5.52
CN2 AFC A 1 -4.38 0.38 -5.79
CN1 AFC A 1 -6.60 1.18 -4.70
CO1 AFC A 1 -6.09 2.60 -4.92
CG AFC A 1 0.35 -2.76 -0.08
H AFC A 1 0.27 -1.81 -2.90
HA AFC A 1 1.93 -3.64 -1.31
HG1 AFC A 1 -0.50 -2.05 -0.25
HG2 AFC A 1 -0.09 -3.67 0.40
HB2 AFC A 1 0.44 -4.58 -3.01
HB3 AFC A 1 0.84 -4.94 -2.03
HD1 AFC A 1 -1.46 -2.61 -2.26
HD2 AFC A 1 -2.06 -4.08 -1.42
HE1 AFC A 1 -2.23 -5.32 -3.50
HE2 AFC A 1 -1.32 -4.06 -4.42
HF1 AFC A 1 -3.11 -2.58 -4.47
HF2 AFC A 1 -3.86 -3.22 -2.97
HI1 AFC A 1 -4.37 -5.39 -4.32
HI2 AFC A 1 -3.92 -4.45 -5.79
HJ1 AFC A 1 -6.10 -3.61 -3.77
HJ2 AFC A 1 -6.41 -4.56 -5.26
HK1 AFC A 1 -6.73 -2.59 -6.32
HK2 AFC A 1 -4.95 -2.37 -6.25
HL1 AFC A 1 -5.36 -1.28 -3.89
HL2 AFC A 1 -7.09 -1.28 -4.32
HM AFC A 1 -6.39 -0.01 -6.50
HN21 AFC A 1 -4.27 1.31 -6.39
HN22 AFC A 1 -3.92 -0.45 -6.36
HN23 AFC A 1 -3.82 0.50 -4.84
HN11 AFC A 1 -7.68 1.14 -4.97
HN12 AFC A 1 -6.54 0.94 -3.61
HO11 AFC A 1 -6.83 3.34 -4.54
HO12 AFC A 1 -5.93 2.80 -6.01
HO13 AFC A 1 -5.13 2.76 -4.38
N ASN A 2 2.43 -1.57 0.56
CA ASN A 2 3.30 -0.91 1.52
C ASN A 2 2.74 0.45 1.83
N DTY A 3 1.94 1.01 0.89
CA DTY A 3 1.24 2.28 0.89
C DTY A 3 0.02 2.17 1.77
O DTY A 3 -1.10 2.51 1.40
CB DTY A 3 2.04 3.52 1.36
CG DTY A 3 3.33 3.67 0.60
CD1 DTY A 3 4.56 3.47 1.26
CD2 DTY A 3 3.32 4.02 -0.76
CE1 DTY A 3 5.77 3.59 0.55
CE2 DTY A 3 4.53 4.14 -1.46
CZ DTY A 3 5.75 3.92 -0.82
OH DTY A 3 6.97 4.00 -1.53
H DTY A 3 1.80 0.47 0.05
HA DTY A 3 0.90 2.43 -0.12
HB2 DTY A 3 1.44 4.45 1.20
HB3 DTY A 3 2.28 3.45 2.45
HD1 DTY A 3 2.39 4.18 -1.27
HD2 DTY A 3 4.59 3.21 2.29
HE1 DTY A 3 4.49 4.38 -2.51
HE2 DTY A 3 6.71 3.43 1.06
HH DTY A 3 6.74 4.22 -2.44
N DSG A 4 0.26 1.64 2.98
CA DSG A 4 -0.59 1.65 4.13
C DSG A 4 -1.45 0.43 4.09
O DSG A 4 -1.78 -0.12 5.15
CB DSG A 4 0.22 1.62 5.45
CG DSG A 4 1.14 2.83 5.58
OD1 DSG A 4 0.75 3.85 6.15
ND2 DSG A 4 2.41 2.72 5.07
H DSG A 4 1.19 1.29 3.13
HA DSG A 4 -1.22 2.54 4.09
HB2 DSG A 4 -0.48 1.63 6.31
HB3 DSG A 4 0.81 0.68 5.51
HD21 DSG A 4 2.68 1.94 4.50
HD22 DSG A 4 3.05 3.48 5.20
N SER A 5 -1.86 -0.02 2.89
CA SER A 5 -2.72 -1.16 2.69
C SER A 5 -2.94 -1.24 1.21
N GLU A 6 -3.22 -0.09 0.58
CA GLU A 6 -3.44 -0.01 -0.84
C GLU A 6 -2.16 0.51 -1.41
N DSN A 7 -2.20 1.08 -2.62
CA DSN A 7 -1.04 1.58 -3.30
C DSN A 7 -0.15 0.43 -3.70
O DSN A 7 -0.64 -0.60 -4.17
CB DSN A 7 -1.38 2.39 -4.56
OG DSN A 7 -2.46 3.28 -4.27
H DSN A 7 -3.05 1.28 -3.11
HA DSN A 7 -0.51 2.22 -2.60
HB2 DSN A 7 -0.51 2.97 -4.91
HB3 DSN A 7 -1.72 1.70 -5.38
HG DSN A 7 -2.62 3.80 -5.06
N THR A 8 1.15 0.56 -3.47
CA THR A 8 2.19 -0.39 -3.76
C THR A 8 2.24 -1.44 -2.67
N AFC A 1 1.12 -2.11 -2.28
CA AFC A 1 0.98 -3.12 -1.28
CB AFC A 1 0.06 -4.26 -1.81
C AFC A 1 1.23 -1.82 0.98
O AFC A 1 0.82 -1.50 2.10
CD AFC A 1 -1.36 -3.83 -2.18
CE AFC A 1 -2.09 -4.87 -3.05
CF AFC A 1 -3.62 -4.68 -3.03
CI AFC A 1 -4.31 -5.40 -1.87
CJ AFC A 1 -5.33 -4.51 -1.13
CK AFC A 1 -5.98 -5.21 0.08
CL AFC A 1 -6.01 -4.34 1.34
CM AFC A 1 -6.45 -5.12 2.61
CN2 AFC A 1 -7.83 -5.79 2.46
CN1 AFC A 1 -6.39 -4.18 3.83
CO1 AFC A 1 -7.55 -3.20 3.94
CG AFC A 1 0.34 -2.62 0.05
H AFC A 1 0.28 -1.84 -2.79
HA AFC A 1 1.94 -3.58 -1.07
HG1 AFC A 1 -0.55 -2.00 -0.18
HG2 AFC A 1 -0.02 -3.50 0.64
HB2 AFC A 1 0.55 -4.69 -2.71
HB3 AFC A 1 0.90 -4.96 -1.68
HD1 AFC A 1 -1.34 -2.86 -2.73
HD2 AFC A 1 -1.94 -3.67 -1.25
HE1 AFC A 1 -1.85 -5.89 -2.69
HE2 AFC A 1 -1.74 -4.78 -4.10
HF1 AFC A 1 -4.04 -5.08 -3.98
HF2 AFC A 1 -3.85 -3.59 -3.00
HI1 AFC A 1 -3.55 -5.73 -1.13
HI2 AFC A 1 -4.83 -6.31 -2.24
HJ1 AFC A 1 -6.14 -4.21 -1.84
HJ2 AFC A 1 -4.83 -3.58 -0.78
HK1 AFC A 1 -5.43 -6.15 0.31
HK2 AFC A 1 -7.02 -5.49 -0.20
HL1 AFC A 1 -6.71 -3.49 1.17
HL2 AFC A 1 -5.00 -3.91 1.51
HM AFC A 1 -5.70 -5.92 2.77
HN21 AFC A 1 -8.24 -6.07 3.45
HN22 AFC A 1 -7.74 -6.72 1.86
HN23 AFC A 1 -8.54 -5.11 1.96
HN11 AFC A 1 -6.35 -4.80 4.75
HN12 AFC A 1 -5.42 -3.61 3.79
HO11 AFC A 1 -8.40 -3.66 4.47
HO12 AFC A 1 -7.90 -2.85 2.94
HO13 AFC A 1 -7.23 -2.29 4.52
N ASN A 2 2.48 -1.48 0.60
CA ASN A 2 3.38 -0.74 1.46
C ASN A 2 2.96 0.71 1.60
N DTY A 3 2.02 1.14 0.72
CA DTY A 3 1.24 2.36 0.77
C DTY A 3 0.31 2.38 1.95
O DTY A 3 -0.32 3.39 2.22
CB DTY A 3 2.06 3.68 0.76
CG DTY A 3 2.67 3.97 -0.57
CD1 DTY A 3 4.07 3.99 -0.75
CD2 DTY A 3 1.85 4.30 -1.67
CE1 DTY A 3 4.63 4.33 -1.98
CE2 DTY A 3 2.40 4.64 -2.91
CZ DTY A 3 3.80 4.66 -3.07
OH DTY A 3 4.34 5.00 -4.32
H DTY A 3 1.74 0.52 -0.01
HA DTY A 3 0.61 2.34 -0.10
HB2 DTY A 3 1.40 4.55 0.99
HB3 DTY A 3 2.86 3.66 1.54
HD1 DTY A 3 0.77 4.33 -1.55
HD2 DTY A 3 4.71 3.74 0.08
HE1 DTY A 3 1.76 4.90 -3.73
HE2 DTY A 3 5.70 4.33 -2.09
HH DTY A 3 5.30 5.04 -4.25
N DSG A 4 0.20 1.27 2.72
CA DSG A 4 -0.42 1.27 4.01
C DSG A 4 -1.43 0.18 4.00
O DSG A 4 -1.81 -0.35 5.04
CB DSG A 4 0.58 1.04 5.18
CG DSG A 4 1.33 2.33 5.52
OD1 DSG A 4 0.99 2.99 6.50
ND2 DSG A 4 2.37 2.68 4.72
H DSG A 4 0.63 0.39 2.45
HA DSG A 4 -0.96 2.21 4.18
HB2 DSG A 4 0.02 0.76 6.10
HB3 DSG A 4 1.27 0.21 4.94
HD21 DSG A 4 2.65 2.13 3.92
HD22 DSG A 4 2.87 3.53 4.93
N SER A 5 -1.92 -0.18 2.79
CA SER A 5 -2.94 -1.19 2.62
C SER A 5 -3.15 -1.24 1.15
N GLU A 6 -3.47 -0.07 0.57
CA GLU A 6 -3.60 0.09 -0.85
C GLU A 6 -2.27 0.62 -1.30
N DSN A 7 -2.20 1.06 -2.57
CA DSN A 7 -0.98 1.56 -3.15
C DSN A 7 -0.13 0.39 -3.54
O DSN A 7 -0.63 -0.64 -3.99
CB DSN A 7 -1.25 2.41 -4.41
OG DSN A 7 -2.25 3.36 -4.11
H DSN A 7 -2.98 1.09 -3.17
HA DSN A 7 -0.46 2.16 -2.41
HB2 DSN A 7 -0.32 2.92 -4.73
HB3 DSN A 7 -1.60 1.76 -5.25
HG DSN A 7 -2.39 3.88 -4.91
N THR A 8 1.19 0.50 -3.35
CA THR A 8 2.20 -0.45 -3.68
C THR A 8 2.28 -1.50 -2.59
N AFC A 1 1.03 -2.05 -2.34
CA AFC A 1 0.91 -3.15 -1.43
CB AFC A 1 0.00 -4.25 -2.06
C AFC A 1 1.11 -2.14 0.95
O AFC A 1 0.80 -2.16 2.13
CD AFC A 1 0.39 -4.64 -3.51
CE AFC A 1 1.81 -5.20 -3.64
CF AFC A 1 2.15 -5.63 -5.08
CI AFC A 1 3.64 -5.93 -5.29
CJ AFC A 1 4.41 -4.82 -6.02
CK AFC A 1 4.25 -4.87 -7.55
CL AFC A 1 5.23 -3.97 -8.30
CM AFC A 1 4.87 -2.48 -8.27
CN2 AFC A 1 3.70 -2.12 -9.20
CN1 AFC A 1 6.15 -1.69 -8.61
CO1 AFC A 1 6.98 -1.33 -7.37
CG AFC A 1 0.22 -2.78 -0.08
H AFC A 1 0.19 -1.68 -2.73
HA AFC A 1 1.88 -3.60 -1.24
HG1 AFC A 1 -0.19 -3.71 0.38
HG2 AFC A 1 -0.64 -2.11 -0.29
HB2 AFC A 1 0.03 -5.16 -1.42
HB3 AFC A 1 -0.59 -4.28 -1.14
HD1 AFC A 1 0.27 -3.75 -4.17
HD2 AFC A 1 -0.33 -5.41 -3.86
HE1 AFC A 1 1.92 -6.07 -2.96
HE2 AFC A 1 2.55 -4.43 -3.33
HF1 AFC A 1 1.84 -4.83 -5.78
HF2 AFC A 1 1.56 -6.54 -5.33
HI1 AFC A 1 3.75 -6.89 -5.85
HI2 AFC A 1 4.12 -6.08 -4.29
HJ1 AFC A 1 5.49 -4.90 -5.76
HJ2 AFC A 1 4.04 -3.84 -5.65
HK1 AFC A 1 3.21 -4.61 -7.82
HK2 AFC A 1 4.41 -5.93 -7.89
HL1 AFC A 1 5.28 -4.31 -9.36
HL2 AFC A 1 6.25 -4.12 -7.87
HM AFC A 1 4.56 -2.21 -7.23
HN21 AFC A 1 2.74 -2.53 -8.80
HN22 AFC A 1 3.87 -2.54 -10.22
HN23 AFC A 1 3.59 -1.02 -9.29
HN11 AFC A 1 6.79 -2.28 -9.30
HN12 AFC A 1 5.88 -0.74 -9.14
HO11 AFC A 1 7.17 -2.23 -6.75
HO12 AFC A 1 6.44 -0.58 -6.75
HO13 AFC A 1 7.96 -0.90 -7.67
N ASN A 2 2.26 -1.57 0.56
CA ASN A 2 3.17 -0.95 1.50
C ASN A 2 2.63 0.38 1.96
N DTY A 3 2.00 1.13 1.03
CA DTY A 3 1.44 2.47 1.17
C DTY A 3 0.17 2.44 1.96
O DTY A 3 -0.84 2.99 1.55
CB DTY A 3 2.39 3.54 1.75
CG DTY A 3 3.72 3.57 1.04
CD1 DTY A 3 3.80 3.70 -0.36
CD2 DTY A 3 4.92 3.44 1.76
CE1 DTY A 3 5.02 3.69 -1.02
CE2 DTY A 3 6.15 3.44 1.12
CZ DTY A 3 6.21 3.56 -0.28
OH DTY A 3 7.46 3.53 -0.95
H DTY A 3 1.96 0.77 0.10
HA DTY A 3 1.17 2.76 0.17
HB2 DTY A 3 1.93 4.55 1.67
HB3 DTY A 3 2.58 3.33 2.84
HD1 DTY A 3 4.88 3.33 2.84
HD2 DTY A 3 2.90 3.80 -0.96
HE1 DTY A 3 7.05 3.35 1.71
HE2 DTY A 3 5.06 3.77 -2.10
HH DTY A 3 8.15 3.56 -0.29
N DSG A 4 0.22 1.79 3.13
CA DSG A 4 -0.88 1.65 4.06
C DSG A 4 -1.91 0.76 3.42
O DSG A 4 -3.08 1.11 3.38
CB DSG A 4 -0.46 1.04 5.43
CG DSG A 4 -1.66 0.90 6.38
OD1 DSG A 4 -2.33 -0.14 6.36
ND2 DSG A 4 -1.93 1.95 7.21
H DSG A 4 1.09 1.35 3.39
HA DSG A 4 -1.33 2.62 4.19
HB2 DSG A 4 -0.01 0.04 5.27
HB3 DSG A 4 0.32 1.69 5.89
HD21 DSG A 4 -1.36 2.77 7.19
HD22 DSG A 4 -2.70 1.88 7.84
N SER A 5 -1.46 -0.42 2.92
CA SER A 5 -2.31 -1.53 2.54
C SER A 5 -2.89 -1.35 1.17
N GLU A 6 -3.02 -0.09 0.71
CA GLU A 6 -3.37 0.26 -0.64
C GLU A 6 -2.07 0.61 -1.32
N DSN A 7 -2.16 1.12 -2.57
CA DSN A 7 -1.03 1.53 -3.36
C DSN A 7 -0.20 0.36 -3.74
O DSN A 7 -0.72 -0.69 -4.13
CB DSN A 7 -1.49 2.23 -4.65
OG DSN A 7 -2.56 3.12 -4.35
H DSN A 7 -3.03 1.34 -3.01
HA DSN A 7 -0.45 2.22 -2.75
HB2 DSN A 7 -0.64 2.80 -5.11
HB3 DSN A 7 -1.86 1.48 -5.38
HG DSN A 7 -2.80 3.57 -5.17
N THR A 8 1.13 0.45 -3.60
CA THR A 8 2.11 -0.53 -3.91
C THR A 8 2.20 -1.57 -2.80
#